data_9BLT
#
_entry.id   9BLT
#
_cell.length_a   1.00
_cell.length_b   1.00
_cell.length_c   1.00
_cell.angle_alpha   90.00
_cell.angle_beta   90.00
_cell.angle_gamma   90.00
#
_symmetry.space_group_name_H-M   'P 1'
#
loop_
_entity.id
_entity.type
_entity.pdbx_description
1 polymer 'Stress-70 protein, mitochondrial'
2 polymer 'GrpE protein homolog 1, mitochondrial'
3 polymer 'Substrate peptide'
#
loop_
_entity_poly.entity_id
_entity_poly.type
_entity_poly.pdbx_seq_one_letter_code
_entity_poly.pdbx_strand_id
1 'polypeptide(L)'
;MASEAIKGAVVGIDLGTTNSCVAVMEGKQAKVLENAEGARTTPSVVAFTADGERLVGMPAKRQAVTNPNNTFYATKRLIG
WRYDDPEVQKDIKNVPFKIVRASNGDAWVEAHGKLYSPSQIGAFVLMKMKETAENYLGHTAKNAVITVPAYFNDSQRQAT
KDAGQISGLNVLRVINEPTAAALAYGLDKSEDKVIAVYDLGGGTFDISILEIQKGVFEVKSTNGDTFLGGEDFDQALLRH
IVKEFKRETGVDLTKDNMALQRVREAAEKAKCELSSSVQTDINLPYLTMDSSGPKHLNMKLTRAQFEGIVTDLIRRTIAP
CQKAMQDAEVSKSDIGEVILVGGMTRMPKVQQTVQDLFGRAPSKAVNPDEAVAIGAAIQGGVLAGDVTDVLLLDVTPLSL
GIETLGGVFTKLINRNTTIPTKKSQVFSTAADGQTQVEIKVCQGEREMAGDNKLLGQFTLIGIPPAPRGVPQIEVTFDID
ANGIVHVSAKDKGTGREQQIVIQSSGGLSKDDIENMVKNAEKYAEEDRRKKERVEAVNMAEGIIHDTETKMEEFKDQLPA
DECNKLKEEISKMRELLARKDSETGENIRQAASS
;
A
2 'polypeptide(L)'
;TLLEEKVKLEEQLKETVEKYKRALADTENLRQRSQKLVEEAKLYGIQAFCKDLLEVADVLEKATQCVPKEEIKDDNPHLK
NLYEGLVMTEVQIQKVFTKHGLLKLNPVGAKFDPAEHEALFHTPVEGKEPGTVALVSKVGYKLHGRTLRPALVGVVKEAS
A
;
B,C
3 'polypeptide(L)' VLLLDVT D
#
# COMPACT_ATOMS: atom_id res chain seq x y z
N MET A 1 37.98 9.72 -16.38
CA MET A 1 37.13 10.66 -17.11
C MET A 1 36.45 11.62 -16.13
N ALA A 2 35.87 12.69 -16.67
CA ALA A 2 35.15 13.66 -15.85
C ALA A 2 33.78 13.12 -15.48
N SER A 3 32.94 13.99 -14.91
CA SER A 3 31.58 13.62 -14.54
C SER A 3 30.83 13.03 -15.72
N GLU A 4 30.34 11.80 -15.54
CA GLU A 4 29.70 11.06 -16.63
C GLU A 4 28.41 11.72 -17.09
N ALA A 5 27.82 12.61 -16.28
CA ALA A 5 26.58 13.29 -16.62
C ALA A 5 25.46 12.29 -16.92
N ILE A 6 25.21 11.39 -15.96
CA ILE A 6 24.17 10.37 -16.13
C ILE A 6 22.81 11.04 -16.29
N LYS A 7 22.49 11.98 -15.39
CA LYS A 7 21.31 12.85 -15.46
C LYS A 7 20.03 12.08 -15.81
N GLY A 8 19.96 10.81 -15.39
CA GLY A 8 18.82 9.99 -15.71
C GLY A 8 18.20 9.31 -14.50
N ALA A 9 17.39 8.29 -14.75
CA ALA A 9 16.73 7.54 -13.69
C ALA A 9 17.43 6.21 -13.49
N VAL A 10 17.70 5.86 -12.23
CA VAL A 10 18.42 4.65 -11.88
C VAL A 10 17.46 3.73 -11.15
N VAL A 11 17.36 2.49 -11.61
CA VAL A 11 16.46 1.49 -11.03
C VAL A 11 17.28 0.28 -10.62
N GLY A 12 16.88 -0.35 -9.52
CA GLY A 12 17.56 -1.53 -9.05
C GLY A 12 16.76 -2.80 -9.31
N ILE A 13 17.14 -3.55 -10.31
CA ILE A 13 16.38 -4.72 -10.76
C ILE A 13 16.95 -5.94 -10.07
N ASP A 14 16.27 -6.40 -9.02
CA ASP A 14 16.68 -7.60 -8.31
C ASP A 14 16.32 -8.81 -9.16
N LEU A 15 17.27 -9.30 -9.94
CA LEU A 15 17.04 -10.41 -10.86
C LEU A 15 17.25 -11.71 -10.10
N GLY A 16 16.14 -12.37 -9.75
CA GLY A 16 16.19 -13.60 -8.98
C GLY A 16 16.02 -14.85 -9.84
N THR A 17 16.20 -16.00 -9.19
CA THR A 17 16.06 -17.28 -9.89
C THR A 17 14.61 -17.54 -10.26
N THR A 18 13.68 -17.28 -9.34
CA THR A 18 12.25 -17.53 -9.56
C THR A 18 11.42 -16.27 -9.60
N ASN A 19 11.70 -15.31 -8.72
CA ASN A 19 10.97 -14.06 -8.67
C ASN A 19 11.95 -12.91 -8.82
N SER A 20 11.46 -11.80 -9.35
CA SER A 20 12.27 -10.62 -9.56
C SER A 20 11.50 -9.38 -9.12
N CYS A 21 12.23 -8.30 -8.87
CA CYS A 21 11.63 -7.07 -8.36
C CYS A 21 12.45 -5.88 -8.83
N VAL A 22 11.75 -4.78 -9.11
CA VAL A 22 12.37 -3.55 -9.59
C VAL A 22 11.91 -2.40 -8.70
N ALA A 23 12.85 -1.55 -8.31
CA ALA A 23 12.57 -0.46 -7.39
C ALA A 23 13.20 0.83 -7.89
N VAL A 24 12.60 1.96 -7.49
CA VAL A 24 13.08 3.29 -7.85
C VAL A 24 13.19 4.13 -6.59
N MET A 25 13.90 5.25 -6.71
CA MET A 25 14.17 6.15 -5.58
C MET A 25 13.19 7.31 -5.64
N GLU A 26 12.17 7.27 -4.78
CA GLU A 26 11.14 8.31 -4.76
C GLU A 26 11.54 9.39 -3.76
N GLY A 27 12.61 10.11 -4.11
CA GLY A 27 13.06 11.22 -3.28
C GLY A 27 14.01 10.79 -2.18
N LYS A 28 13.50 10.65 -0.96
CA LYS A 28 14.32 10.26 0.18
C LYS A 28 14.20 8.79 0.56
N GLN A 29 13.12 8.13 0.15
CA GLN A 29 12.89 6.72 0.47
C GLN A 29 12.58 5.96 -0.79
N ALA A 30 13.17 4.78 -0.93
CA ALA A 30 12.97 3.97 -2.13
C ALA A 30 11.55 3.40 -2.16
N LYS A 31 11.11 3.03 -3.36
CA LYS A 31 9.77 2.52 -3.57
C LYS A 31 9.83 1.35 -4.55
N VAL A 32 9.04 0.32 -4.28
CA VAL A 32 8.97 -0.87 -5.12
C VAL A 32 7.77 -0.73 -6.06
N LEU A 33 8.02 -0.90 -7.36
CA LEU A 33 6.98 -0.69 -8.36
C LEU A 33 6.17 -1.97 -8.58
N GLU A 34 4.86 -1.80 -8.74
CA GLU A 34 3.96 -2.90 -9.07
C GLU A 34 3.81 -3.02 -10.57
N ASN A 35 3.75 -4.25 -11.06
CA ASN A 35 3.69 -4.52 -12.49
C ASN A 35 2.26 -4.30 -12.99
N ALA A 36 1.99 -4.74 -14.23
CA ALA A 36 0.68 -4.49 -14.83
C ALA A 36 -0.45 -5.19 -14.08
N GLU A 37 -0.18 -6.34 -13.48
CA GLU A 37 -1.20 -7.10 -12.76
C GLU A 37 -1.36 -6.64 -11.31
N GLY A 38 -0.59 -5.66 -10.86
CA GLY A 38 -0.71 -5.18 -9.50
C GLY A 38 0.09 -5.95 -8.48
N ALA A 39 0.99 -6.84 -8.90
CA ALA A 39 1.82 -7.62 -8.01
C ALA A 39 3.24 -7.09 -8.03
N ARG A 40 3.86 -6.99 -6.86
CA ARG A 40 5.17 -6.37 -6.75
C ARG A 40 6.30 -7.23 -7.29
N THR A 41 6.14 -8.55 -7.32
CA THR A 41 7.20 -9.46 -7.74
C THR A 41 6.83 -10.09 -9.07
N THR A 42 7.65 -9.87 -10.08
CA THR A 42 7.46 -10.45 -11.41
C THR A 42 8.14 -11.79 -11.49
N PRO A 43 7.42 -12.88 -11.82
CA PRO A 43 8.09 -14.16 -12.03
C PRO A 43 9.11 -14.09 -13.15
N SER A 44 10.24 -14.76 -12.96
CA SER A 44 11.32 -14.76 -13.95
C SER A 44 11.20 -15.99 -14.86
N VAL A 45 10.05 -16.08 -15.52
CA VAL A 45 9.76 -17.17 -16.43
C VAL A 45 9.57 -16.59 -17.83
N VAL A 46 10.29 -17.13 -18.80
CA VAL A 46 10.22 -16.70 -20.19
C VAL A 46 9.73 -17.89 -21.02
N ALA A 47 8.58 -17.72 -21.67
CA ALA A 47 7.95 -18.80 -22.41
C ALA A 47 7.75 -18.40 -23.87
N PHE A 48 8.02 -19.33 -24.78
CA PHE A 48 7.89 -19.09 -26.20
C PHE A 48 6.76 -19.94 -26.77
N THR A 49 6.09 -19.40 -27.78
CA THR A 49 4.91 -20.03 -28.37
C THR A 49 5.28 -20.74 -29.67
N ALA A 50 4.26 -21.21 -30.37
CA ALA A 50 4.48 -21.99 -31.60
C ALA A 50 5.06 -21.12 -32.70
N ASP A 51 4.38 -20.04 -33.06
CA ASP A 51 4.86 -19.18 -34.15
C ASP A 51 5.95 -18.24 -33.66
N GLY A 52 5.62 -17.32 -32.77
CA GLY A 52 6.61 -16.54 -32.07
C GLY A 52 6.01 -15.57 -31.08
N GLU A 53 6.49 -15.61 -29.84
CA GLU A 53 6.09 -14.71 -28.78
C GLU A 53 7.20 -14.71 -27.75
N ARG A 54 7.05 -13.85 -26.74
CA ARG A 54 8.04 -13.74 -25.66
C ARG A 54 7.33 -13.57 -24.32
N LEU A 55 6.30 -14.38 -24.08
CA LEU A 55 5.53 -14.25 -22.85
C LEU A 55 6.44 -14.38 -21.64
N VAL A 56 6.42 -13.36 -20.78
CA VAL A 56 7.29 -13.28 -19.62
C VAL A 56 6.43 -13.00 -18.38
N GLY A 57 6.65 -13.78 -17.34
CA GLY A 57 5.95 -13.55 -16.09
C GLY A 57 4.74 -14.45 -15.91
N MET A 58 3.71 -13.96 -15.23
CA MET A 58 2.50 -14.75 -15.04
C MET A 58 1.87 -15.20 -16.36
N PRO A 59 1.76 -14.36 -17.40
CA PRO A 59 1.34 -14.88 -18.71
C PRO A 59 2.22 -16.00 -19.26
N ALA A 60 3.33 -16.32 -18.60
CA ALA A 60 4.17 -17.44 -18.99
C ALA A 60 4.11 -18.61 -18.00
N LYS A 61 3.87 -18.32 -16.71
CA LYS A 61 3.61 -19.39 -15.77
C LYS A 61 2.28 -20.08 -16.07
N ARG A 62 1.25 -19.31 -16.43
CA ARG A 62 -0.06 -19.88 -16.67
C ARG A 62 -0.05 -20.83 -17.87
N GLN A 63 0.64 -20.45 -18.94
CA GLN A 63 0.68 -21.21 -20.18
C GLN A 63 1.63 -22.40 -20.10
N ALA A 64 2.41 -22.53 -19.03
CA ALA A 64 3.48 -23.53 -18.99
C ALA A 64 2.96 -24.95 -19.13
N VAL A 65 1.74 -25.22 -18.68
CA VAL A 65 1.22 -26.59 -18.71
C VAL A 65 1.01 -27.05 -20.15
N THR A 66 0.47 -26.19 -21.01
CA THR A 66 0.28 -26.53 -22.41
C THR A 66 1.59 -26.48 -23.20
N ASN A 67 2.60 -25.78 -22.71
CA ASN A 67 3.88 -25.64 -23.39
C ASN A 67 4.98 -25.94 -22.38
N PRO A 68 5.24 -27.22 -22.11
CA PRO A 68 6.25 -27.56 -21.10
C PRO A 68 7.66 -27.61 -21.65
N ASN A 69 7.79 -27.76 -22.96
CA ASN A 69 9.09 -27.85 -23.61
C ASN A 69 9.62 -26.51 -24.11
N ASN A 70 8.88 -25.42 -23.87
CA ASN A 70 9.33 -24.09 -24.28
C ASN A 70 9.14 -23.07 -23.17
N THR A 71 9.05 -23.50 -21.93
CA THR A 71 8.91 -22.62 -20.78
C THR A 71 10.21 -22.66 -19.99
N PHE A 72 11.03 -21.62 -20.14
CA PHE A 72 12.34 -21.56 -19.49
C PHE A 72 12.20 -20.89 -18.13
N TYR A 73 12.44 -21.66 -17.07
CA TYR A 73 12.29 -21.19 -15.70
C TYR A 73 13.53 -21.53 -14.90
N ALA A 74 13.85 -20.67 -13.93
CA ALA A 74 15.01 -20.84 -13.06
C ALA A 74 16.28 -21.02 -13.87
N THR A 75 16.46 -20.15 -14.87
CA THR A 75 17.62 -20.22 -15.73
C THR A 75 18.84 -19.51 -15.15
N LYS A 76 18.69 -18.82 -14.02
CA LYS A 76 19.83 -18.18 -13.37
C LYS A 76 20.79 -19.19 -12.76
N ARG A 77 20.48 -20.48 -12.82
CA ARG A 77 21.41 -21.53 -12.42
C ARG A 77 22.29 -21.99 -13.58
N LEU A 78 22.04 -21.48 -14.78
CA LEU A 78 22.84 -21.83 -15.95
C LEU A 78 23.68 -20.68 -16.46
N ILE A 79 23.62 -19.52 -15.81
CA ILE A 79 24.30 -18.33 -16.31
C ILE A 79 25.79 -18.42 -16.00
N GLY A 80 26.62 -18.20 -17.02
CA GLY A 80 28.06 -18.17 -16.82
C GLY A 80 28.71 -19.51 -16.63
N TRP A 81 27.97 -20.60 -16.78
CA TRP A 81 28.50 -21.94 -16.56
C TRP A 81 28.70 -22.64 -17.90
N ARG A 82 29.79 -23.38 -18.02
CA ARG A 82 30.05 -24.14 -19.24
C ARG A 82 29.11 -25.34 -19.31
N TYR A 83 29.04 -25.92 -20.51
CA TYR A 83 28.20 -27.10 -20.71
C TYR A 83 28.69 -28.28 -19.87
N ASP A 84 30.01 -28.47 -19.80
CA ASP A 84 30.59 -29.57 -19.04
C ASP A 84 30.92 -29.08 -17.63
N ASP A 85 29.87 -28.95 -16.81
CA ASP A 85 30.00 -28.60 -15.42
C ASP A 85 29.14 -29.54 -14.59
N PRO A 86 29.58 -29.92 -13.39
CA PRO A 86 28.75 -30.83 -12.57
C PRO A 86 27.37 -30.30 -12.26
N GLU A 87 27.24 -29.02 -11.91
CA GLU A 87 25.93 -28.48 -11.56
C GLU A 87 25.00 -28.47 -12.77
N VAL A 88 25.50 -28.08 -13.94
CA VAL A 88 24.69 -28.10 -15.14
C VAL A 88 24.32 -29.54 -15.52
N GLN A 89 25.24 -30.48 -15.28
CA GLN A 89 24.98 -31.88 -15.60
C GLN A 89 23.91 -32.47 -14.67
N LYS A 90 23.86 -32.04 -13.42
CA LYS A 90 22.77 -32.47 -12.56
C LYS A 90 21.47 -31.76 -12.91
N ASP A 91 21.53 -30.50 -13.36
CA ASP A 91 20.33 -29.74 -13.65
C ASP A 91 19.67 -30.14 -14.97
N ILE A 92 20.44 -30.60 -15.95
CA ILE A 92 19.89 -30.84 -17.29
C ILE A 92 18.85 -31.94 -17.26
N LYS A 93 19.07 -32.97 -16.43
CA LYS A 93 18.15 -34.11 -16.40
C LYS A 93 16.76 -33.70 -15.95
N ASN A 94 16.67 -32.86 -14.91
CA ASN A 94 15.37 -32.56 -14.32
C ASN A 94 14.57 -31.58 -15.16
N VAL A 95 15.23 -30.61 -15.79
CA VAL A 95 14.50 -29.55 -16.49
C VAL A 95 13.88 -30.10 -17.77
N PRO A 96 12.58 -29.92 -17.99
CA PRO A 96 11.96 -30.44 -19.23
C PRO A 96 12.54 -29.83 -20.50
N PHE A 97 12.89 -28.55 -20.49
CA PHE A 97 13.34 -27.90 -21.72
C PHE A 97 14.74 -28.36 -22.09
N LYS A 98 15.04 -28.24 -23.38
CA LYS A 98 16.30 -28.76 -23.91
C LYS A 98 17.46 -27.83 -23.59
N ILE A 99 18.58 -28.42 -23.15
CA ILE A 99 19.81 -27.70 -22.89
C ILE A 99 20.86 -28.19 -23.87
N VAL A 100 21.44 -27.28 -24.63
CA VAL A 100 22.43 -27.61 -25.65
C VAL A 100 23.70 -26.83 -25.37
N ARG A 101 24.81 -27.30 -25.94
CA ARG A 101 26.10 -26.67 -25.80
C ARG A 101 26.29 -25.66 -26.92
N ALA A 102 26.88 -24.51 -26.58
CA ALA A 102 27.10 -23.45 -27.54
C ALA A 102 28.39 -23.71 -28.32
N SER A 103 28.73 -22.75 -29.19
CA SER A 103 29.98 -22.85 -29.93
C SER A 103 31.18 -22.77 -29.00
N ASN A 104 31.09 -21.92 -27.97
CA ASN A 104 32.16 -21.76 -27.00
C ASN A 104 32.08 -22.78 -25.86
N GLY A 105 31.27 -23.82 -26.00
CA GLY A 105 31.09 -24.79 -24.94
C GLY A 105 30.41 -24.24 -23.71
N ASP A 106 29.37 -23.44 -23.90
CA ASP A 106 28.60 -22.86 -22.81
C ASP A 106 27.17 -23.41 -22.82
N ALA A 107 26.60 -23.55 -21.63
CA ALA A 107 25.28 -24.16 -21.48
C ALA A 107 24.22 -23.16 -21.89
N TRP A 108 23.60 -23.39 -23.04
CA TRP A 108 22.52 -22.56 -23.55
C TRP A 108 21.21 -23.35 -23.53
N VAL A 109 20.13 -22.72 -23.99
CA VAL A 109 18.84 -23.37 -24.08
C VAL A 109 18.29 -23.20 -25.49
N GLU A 110 17.35 -24.07 -25.84
CA GLU A 110 16.84 -24.18 -27.21
C GLU A 110 15.32 -23.99 -27.21
N ALA A 111 14.82 -23.28 -28.21
CA ALA A 111 13.39 -23.04 -28.35
C ALA A 111 13.05 -22.95 -29.83
N HIS A 112 12.30 -23.92 -30.33
CA HIS A 112 11.84 -23.94 -31.73
C HIS A 112 13.02 -23.81 -32.70
N GLY A 113 14.08 -24.55 -32.42
CA GLY A 113 15.25 -24.51 -33.28
C GLY A 113 15.99 -23.20 -33.29
N LYS A 114 16.05 -22.51 -32.15
CA LYS A 114 16.76 -21.25 -32.03
C LYS A 114 17.58 -21.26 -30.75
N LEU A 115 18.80 -20.73 -30.83
CA LEU A 115 19.72 -20.77 -29.71
C LEU A 115 19.48 -19.58 -28.79
N TYR A 116 19.31 -19.86 -27.50
CA TYR A 116 19.12 -18.83 -26.49
C TYR A 116 20.13 -19.05 -25.37
N SER A 117 21.00 -18.07 -25.15
CA SER A 117 21.93 -18.14 -24.03
C SER A 117 21.20 -17.85 -22.73
N PRO A 118 21.72 -18.33 -21.60
CA PRO A 118 21.11 -17.98 -20.31
C PRO A 118 21.16 -16.49 -20.02
N SER A 119 22.02 -15.74 -20.71
CA SER A 119 22.01 -14.30 -20.58
C SER A 119 20.82 -13.67 -21.30
N GLN A 120 20.38 -14.27 -22.41
CA GLN A 120 19.26 -13.69 -23.16
C GLN A 120 17.94 -13.83 -22.41
N ILE A 121 17.75 -14.92 -21.67
CA ILE A 121 16.54 -15.07 -20.87
C ILE A 121 16.49 -14.00 -19.78
N GLY A 122 17.62 -13.77 -19.11
CA GLY A 122 17.69 -12.67 -18.17
C GLY A 122 17.48 -11.33 -18.86
N ALA A 123 17.94 -11.19 -20.11
CA ALA A 123 17.71 -9.97 -20.86
C ALA A 123 16.23 -9.74 -21.09
N PHE A 124 15.48 -10.80 -21.42
CA PHE A 124 14.05 -10.66 -21.61
C PHE A 124 13.34 -10.29 -20.31
N VAL A 125 13.75 -10.91 -19.20
CA VAL A 125 13.16 -10.53 -17.91
C VAL A 125 13.48 -9.08 -17.60
N LEU A 126 14.71 -8.65 -17.85
CA LEU A 126 15.09 -7.26 -17.65
C LEU A 126 14.28 -6.33 -18.54
N MET A 127 13.95 -6.78 -19.76
CA MET A 127 13.12 -5.98 -20.65
C MET A 127 11.72 -5.81 -20.08
N LYS A 128 11.16 -6.87 -19.52
CA LYS A 128 9.87 -6.74 -18.85
C LYS A 128 9.96 -5.75 -17.68
N MET A 129 11.04 -5.83 -16.91
CA MET A 129 11.19 -4.90 -15.78
C MET A 129 11.35 -3.46 -16.25
N LYS A 130 12.11 -3.24 -17.31
CA LYS A 130 12.28 -1.89 -17.84
C LYS A 130 10.97 -1.36 -18.39
N GLU A 131 10.16 -2.23 -19.00
CA GLU A 131 8.83 -1.83 -19.44
C GLU A 131 7.96 -1.41 -18.26
N THR A 132 8.02 -2.16 -17.16
CA THR A 132 7.27 -1.78 -15.97
C THR A 132 7.74 -0.44 -15.43
N ALA A 133 9.06 -0.24 -15.36
CA ALA A 133 9.59 1.01 -14.84
C ALA A 133 9.24 2.19 -15.74
N GLU A 134 9.19 1.97 -17.05
CA GLU A 134 8.76 3.03 -17.96
C GLU A 134 7.27 3.30 -17.83
N ASN A 135 6.46 2.27 -17.59
CA ASN A 135 5.04 2.48 -17.35
C ASN A 135 4.81 3.34 -16.12
N TYR A 136 5.55 3.08 -15.04
CA TYR A 136 5.35 3.86 -13.83
C TYR A 136 5.96 5.26 -13.96
N LEU A 137 7.24 5.33 -14.29
CA LEU A 137 7.95 6.62 -14.28
C LEU A 137 7.36 7.58 -15.30
N GLY A 138 7.08 7.11 -16.51
CA GLY A 138 6.60 7.97 -17.57
C GLY A 138 7.62 8.13 -18.67
N HIS A 139 8.88 8.29 -18.31
CA HIS A 139 9.98 8.43 -19.26
C HIS A 139 10.76 7.12 -19.32
N THR A 140 11.86 7.16 -20.08
CA THR A 140 12.69 5.98 -20.25
C THR A 140 13.66 5.84 -19.08
N ALA A 141 13.78 4.62 -18.56
CA ALA A 141 14.74 4.28 -17.52
C ALA A 141 15.91 3.58 -18.20
N LYS A 142 17.03 4.30 -18.34
CA LYS A 142 18.17 3.79 -19.09
C LYS A 142 19.25 3.20 -18.19
N ASN A 143 19.45 3.77 -17.00
CA ASN A 143 20.50 3.33 -16.09
C ASN A 143 19.91 2.45 -15.01
N ALA A 144 20.60 1.35 -14.70
CA ALA A 144 20.09 0.38 -13.75
C ALA A 144 21.25 -0.21 -12.95
N VAL A 145 20.92 -0.72 -11.76
CA VAL A 145 21.88 -1.38 -10.87
C VAL A 145 21.31 -2.76 -10.55
N ILE A 146 21.85 -3.78 -11.20
CA ILE A 146 21.37 -5.15 -11.05
C ILE A 146 22.09 -5.81 -9.89
N THR A 147 21.44 -6.79 -9.27
CA THR A 147 21.98 -7.51 -8.13
C THR A 147 22.24 -8.97 -8.49
N VAL A 148 23.35 -9.52 -8.00
CA VAL A 148 23.73 -10.90 -8.26
C VAL A 148 24.08 -11.57 -6.95
N PRO A 149 24.03 -12.90 -6.90
CA PRO A 149 24.43 -13.62 -5.68
C PRO A 149 25.88 -13.34 -5.33
N ALA A 150 26.17 -13.35 -4.03
CA ALA A 150 27.48 -12.95 -3.54
C ALA A 150 28.60 -13.86 -4.03
N TYR A 151 28.28 -15.08 -4.45
CA TYR A 151 29.29 -16.02 -4.93
C TYR A 151 29.45 -15.98 -6.44
N PHE A 152 28.83 -15.02 -7.12
CA PHE A 152 28.96 -14.89 -8.56
C PHE A 152 30.37 -14.44 -8.89
N ASN A 153 31.13 -15.29 -9.59
CA ASN A 153 32.50 -14.96 -9.95
C ASN A 153 32.50 -13.91 -11.05
N ASP A 154 33.70 -13.61 -11.56
CA ASP A 154 33.84 -12.53 -12.54
C ASP A 154 33.11 -12.86 -13.83
N SER A 155 33.19 -14.11 -14.28
CA SER A 155 32.56 -14.48 -15.55
C SER A 155 31.04 -14.33 -15.48
N GLN A 156 30.43 -14.78 -14.38
CA GLN A 156 28.98 -14.68 -14.27
C GLN A 156 28.53 -13.24 -14.07
N ARG A 157 29.33 -12.42 -13.38
CA ARG A 157 29.01 -11.00 -13.29
C ARG A 157 29.10 -10.33 -14.67
N GLN A 158 30.09 -10.72 -15.47
CA GLN A 158 30.17 -10.22 -16.83
C GLN A 158 28.97 -10.67 -17.65
N ALA A 159 28.51 -11.90 -17.45
CA ALA A 159 27.32 -12.37 -18.15
C ALA A 159 26.08 -11.56 -17.74
N THR A 160 25.96 -11.24 -16.45
CA THR A 160 24.85 -10.40 -16.01
C THR A 160 24.95 -9.00 -16.61
N LYS A 161 26.16 -8.45 -16.70
CA LYS A 161 26.34 -7.15 -17.34
C LYS A 161 25.95 -7.20 -18.81
N ASP A 162 26.30 -8.28 -19.50
CA ASP A 162 25.91 -8.46 -20.89
C ASP A 162 24.40 -8.56 -21.02
N ALA A 163 23.75 -9.27 -20.11
CA ALA A 163 22.29 -9.38 -20.13
C ALA A 163 21.65 -8.01 -19.93
N GLY A 164 22.19 -7.22 -18.99
CA GLY A 164 21.65 -5.88 -18.79
C GLY A 164 21.87 -4.98 -19.98
N GLN A 165 23.01 -5.13 -20.66
CA GLN A 165 23.29 -4.32 -21.84
C GLN A 165 22.39 -4.71 -23.01
N ILE A 166 22.08 -6.00 -23.15
CA ILE A 166 21.25 -6.45 -24.27
C ILE A 166 19.86 -5.83 -24.19
N SER A 167 19.29 -5.79 -22.99
CA SER A 167 17.96 -5.24 -22.76
C SER A 167 17.90 -3.73 -22.90
N GLY A 168 18.96 -3.05 -23.33
CA GLY A 168 18.92 -1.61 -23.46
C GLY A 168 19.02 -0.85 -22.16
N LEU A 169 19.74 -1.40 -21.17
CA LEU A 169 19.93 -0.75 -19.88
C LEU A 169 21.40 -0.40 -19.69
N ASN A 170 21.64 0.76 -19.10
CA ASN A 170 23.00 1.21 -18.78
C ASN A 170 23.34 0.69 -17.40
N VAL A 171 23.95 -0.49 -17.33
CA VAL A 171 24.29 -1.11 -16.07
C VAL A 171 25.46 -0.36 -15.44
N LEU A 172 25.17 0.47 -14.44
CA LEU A 172 26.23 1.18 -13.74
C LEU A 172 27.17 0.21 -13.06
N ARG A 173 26.66 -0.51 -12.05
CA ARG A 173 27.44 -1.50 -11.34
C ARG A 173 26.56 -2.69 -11.03
N VAL A 174 27.17 -3.87 -11.00
CA VAL A 174 26.49 -5.10 -10.61
C VAL A 174 26.80 -5.34 -9.14
N ILE A 175 25.76 -5.34 -8.31
CA ILE A 175 25.92 -5.33 -6.87
C ILE A 175 25.65 -6.73 -6.33
N ASN A 176 26.12 -6.97 -5.12
CA ASN A 176 25.86 -8.22 -4.43
C ASN A 176 24.56 -8.14 -3.64
N GLU A 177 23.91 -9.29 -3.44
CA GLU A 177 22.69 -9.31 -2.65
C GLU A 177 22.92 -8.92 -1.19
N PRO A 178 23.94 -9.43 -0.48
CA PRO A 178 24.16 -8.95 0.90
C PRO A 178 24.52 -7.48 0.98
N THR A 179 25.28 -6.97 0.00
CA THR A 179 25.60 -5.54 -0.01
C THR A 179 24.33 -4.70 -0.17
N ALA A 180 23.44 -5.13 -1.09
CA ALA A 180 22.18 -4.43 -1.26
C ALA A 180 21.32 -4.50 -0.01
N ALA A 181 21.31 -5.66 0.66
CA ALA A 181 20.56 -5.78 1.90
C ALA A 181 21.11 -4.86 2.98
N ALA A 182 22.44 -4.76 3.08
CA ALA A 182 23.04 -3.86 4.06
C ALA A 182 22.70 -2.41 3.75
N LEU A 183 22.74 -2.02 2.48
CA LEU A 183 22.37 -0.66 2.10
C LEU A 183 20.91 -0.38 2.44
N ALA A 184 20.03 -1.35 2.20
CA ALA A 184 18.62 -1.17 2.54
C ALA A 184 18.42 -1.02 4.04
N TYR A 185 19.16 -1.79 4.83
CA TYR A 185 19.06 -1.69 6.28
C TYR A 185 19.70 -0.41 6.81
N GLY A 186 20.57 0.21 6.03
CA GLY A 186 21.15 1.49 6.39
C GLY A 186 22.54 1.46 6.96
N LEU A 187 23.36 0.48 6.58
CA LEU A 187 24.69 0.31 7.16
C LEU A 187 25.79 0.90 6.29
N ASP A 188 25.44 1.63 5.23
CA ASP A 188 26.47 2.25 4.39
C ASP A 188 27.24 3.32 5.17
N LYS A 189 26.54 4.17 5.91
CA LYS A 189 27.17 5.17 6.76
C LYS A 189 27.29 4.63 8.18
N SER A 190 28.23 3.70 8.33
CA SER A 190 28.46 3.03 9.60
C SER A 190 29.95 2.86 9.81
N GLU A 191 30.33 2.75 11.09
CA GLU A 191 31.72 2.54 11.47
C GLU A 191 32.17 1.15 11.06
N ASP A 192 33.42 0.82 11.38
CA ASP A 192 33.92 -0.52 11.10
C ASP A 192 33.15 -1.55 11.90
N LYS A 193 32.69 -2.59 11.21
CA LYS A 193 31.87 -3.63 11.82
C LYS A 193 32.00 -4.91 11.02
N VAL A 194 31.50 -5.99 11.58
CA VAL A 194 31.36 -7.26 10.90
C VAL A 194 29.91 -7.69 11.02
N ILE A 195 29.19 -7.71 9.91
CA ILE A 195 27.76 -8.03 9.90
C ILE A 195 27.55 -9.31 9.14
N ALA A 196 26.52 -10.06 9.54
CA ALA A 196 26.15 -11.31 8.91
C ALA A 196 24.72 -11.19 8.39
N VAL A 197 24.53 -11.58 7.13
CA VAL A 197 23.22 -11.51 6.48
C VAL A 197 22.59 -12.90 6.50
N TYR A 198 21.31 -12.96 6.83
CA TYR A 198 20.59 -14.22 6.97
C TYR A 198 19.50 -14.26 5.91
N ASP A 199 19.76 -14.95 4.80
CA ASP A 199 18.86 -14.99 3.65
C ASP A 199 18.15 -16.35 3.63
N LEU A 200 16.95 -16.40 4.20
CA LEU A 200 16.14 -17.60 4.23
C LEU A 200 14.72 -17.28 3.79
N GLY A 201 14.21 -18.03 2.83
CA GLY A 201 12.84 -17.83 2.40
C GLY A 201 12.61 -17.91 0.91
N GLY A 202 13.68 -17.89 0.13
CA GLY A 202 13.61 -17.98 -1.31
C GLY A 202 13.79 -19.39 -1.81
N GLY A 203 14.39 -19.51 -2.99
CA GLY A 203 14.75 -20.81 -3.51
C GLY A 203 16.05 -21.37 -3.00
N THR A 204 16.73 -20.62 -2.13
CA THR A 204 18.00 -21.04 -1.56
C THR A 204 18.18 -20.31 -0.24
N PHE A 205 19.04 -20.87 0.61
CA PHE A 205 19.44 -20.24 1.86
C PHE A 205 20.89 -19.80 1.75
N ASP A 206 21.14 -18.51 1.96
CA ASP A 206 22.48 -17.95 1.89
C ASP A 206 22.79 -17.18 3.17
N ILE A 207 23.98 -17.38 3.70
CA ILE A 207 24.49 -16.63 4.84
C ILE A 207 25.86 -16.09 4.45
N SER A 208 26.03 -14.77 4.54
CA SER A 208 27.29 -14.14 4.16
C SER A 208 27.74 -13.19 5.27
N ILE A 209 29.03 -13.24 5.59
CA ILE A 209 29.61 -12.44 6.65
C ILE A 209 30.27 -11.22 6.00
N LEU A 210 29.74 -10.03 6.31
CA LEU A 210 30.17 -8.80 5.68
C LEU A 210 31.00 -7.96 6.63
N GLU A 211 31.82 -7.09 6.06
CA GLU A 211 32.62 -6.15 6.83
C GLU A 211 32.45 -4.76 6.23
N ILE A 212 32.33 -3.75 7.09
CA ILE A 212 31.99 -2.40 6.67
C ILE A 212 33.15 -1.45 6.97
N GLN A 213 34.37 -1.95 6.88
CA GLN A 213 35.54 -1.11 7.13
C GLN A 213 35.61 0.03 6.12
N LYS A 214 35.90 1.23 6.62
CA LYS A 214 36.17 2.41 5.82
C LYS A 214 34.93 2.90 5.07
N GLY A 215 33.82 2.18 5.20
CA GLY A 215 32.60 2.51 4.48
C GLY A 215 32.34 1.70 3.24
N VAL A 216 33.22 0.76 2.90
CA VAL A 216 33.01 -0.15 1.78
C VAL A 216 32.73 -1.53 2.35
N PHE A 217 32.00 -2.34 1.58
CA PHE A 217 31.58 -3.66 2.01
C PHE A 217 32.48 -4.70 1.35
N GLU A 218 33.11 -5.54 2.17
CA GLU A 218 33.92 -6.67 1.71
C GLU A 218 33.32 -7.95 2.29
N VAL A 219 32.93 -8.87 1.41
CA VAL A 219 32.26 -10.09 1.84
C VAL A 219 33.33 -11.07 2.31
N LYS A 220 33.39 -11.29 3.62
CA LYS A 220 34.41 -12.17 4.19
C LYS A 220 34.15 -13.62 3.79
N SER A 221 32.92 -14.09 3.95
CA SER A 221 32.60 -15.48 3.68
C SER A 221 31.14 -15.60 3.26
N THR A 222 30.83 -16.71 2.59
CA THR A 222 29.47 -17.03 2.19
C THR A 222 29.23 -18.53 2.39
N ASN A 223 27.97 -18.89 2.64
CA ASN A 223 27.61 -20.27 2.90
C ASN A 223 26.09 -20.39 2.82
N GLY A 224 25.57 -21.60 3.04
CA GLY A 224 24.15 -21.83 3.02
C GLY A 224 23.75 -23.16 2.40
N ASP A 225 22.46 -23.45 2.36
CA ASP A 225 21.94 -24.71 1.85
C ASP A 225 21.24 -24.50 0.52
N THR A 226 21.61 -25.29 -0.48
CA THR A 226 21.01 -25.14 -1.81
C THR A 226 19.59 -25.70 -1.86
N PHE A 227 19.37 -26.88 -1.28
CA PHE A 227 18.09 -27.57 -1.38
C PHE A 227 17.12 -27.19 -0.28
N LEU A 228 17.27 -26.02 0.32
CA LEU A 228 16.38 -25.56 1.38
C LEU A 228 15.81 -24.20 1.01
N GLY A 229 14.49 -24.06 1.11
CA GLY A 229 13.85 -22.82 0.75
C GLY A 229 12.48 -22.73 1.35
N GLY A 230 11.75 -21.68 0.96
CA GLY A 230 10.43 -21.42 1.49
C GLY A 230 9.33 -22.30 0.94
N GLU A 231 9.60 -23.06 -0.12
CA GLU A 231 8.61 -23.99 -0.63
C GLU A 231 8.51 -25.25 0.23
N ASP A 232 9.63 -25.68 0.81
CA ASP A 232 9.62 -26.88 1.65
C ASP A 232 8.77 -26.67 2.90
N PHE A 233 8.82 -25.48 3.49
CA PHE A 233 8.00 -25.21 4.68
C PHE A 233 6.52 -25.29 4.34
N ASP A 234 6.12 -24.69 3.22
CA ASP A 234 4.73 -24.73 2.81
C ASP A 234 4.30 -26.15 2.50
N GLN A 235 5.17 -26.92 1.84
CA GLN A 235 4.85 -28.31 1.55
C GLN A 235 4.69 -29.13 2.83
N ALA A 236 5.54 -28.86 3.83
CA ALA A 236 5.42 -29.58 5.10
C ALA A 236 4.09 -29.25 5.79
N LEU A 237 3.72 -27.97 5.81
CA LEU A 237 2.44 -27.61 6.41
C LEU A 237 1.27 -28.23 5.65
N LEU A 238 1.35 -28.25 4.32
CA LEU A 238 0.28 -28.84 3.52
C LEU A 238 0.18 -30.34 3.78
N ARG A 239 1.32 -31.04 3.89
CA ARG A 239 1.30 -32.45 4.19
C ARG A 239 0.68 -32.70 5.55
N HIS A 240 1.01 -31.88 6.53
CA HIS A 240 0.39 -32.02 7.85
C HIS A 240 -1.12 -31.83 7.77
N ILE A 241 -1.57 -30.82 7.03
CA ILE A 241 -3.00 -30.54 6.95
C ILE A 241 -3.74 -31.68 6.28
N VAL A 242 -3.22 -32.18 5.15
CA VAL A 242 -3.91 -33.24 4.44
C VAL A 242 -3.90 -34.53 5.25
N LYS A 243 -2.78 -34.82 5.94
CA LYS A 243 -2.74 -36.00 6.79
C LYS A 243 -3.76 -35.91 7.92
N GLU A 244 -3.88 -34.75 8.54
CA GLU A 244 -4.85 -34.58 9.62
C GLU A 244 -6.27 -34.70 9.11
N PHE A 245 -6.55 -34.15 7.93
CA PHE A 245 -7.89 -34.28 7.36
C PHE A 245 -8.22 -35.74 7.08
N LYS A 246 -7.27 -36.47 6.49
CA LYS A 246 -7.50 -37.89 6.21
C LYS A 246 -7.70 -38.67 7.52
N ARG A 247 -6.93 -38.34 8.55
CA ARG A 247 -7.11 -38.99 9.84
C ARG A 247 -8.49 -38.71 10.42
N GLU A 248 -8.96 -37.46 10.32
CA GLU A 248 -10.21 -37.10 10.96
C GLU A 248 -11.42 -37.67 10.22
N THR A 249 -11.45 -37.57 8.90
CA THR A 249 -12.61 -38.00 8.13
C THR A 249 -12.35 -39.27 7.32
N GLY A 250 -11.34 -39.27 6.46
CA GLY A 250 -11.01 -40.46 5.72
C GLY A 250 -10.90 -40.26 4.22
N VAL A 251 -10.90 -39.00 3.78
CA VAL A 251 -10.75 -38.66 2.37
C VAL A 251 -9.38 -38.00 2.19
N ASP A 252 -8.61 -38.49 1.23
CA ASP A 252 -7.27 -37.98 0.98
C ASP A 252 -7.34 -36.96 -0.14
N LEU A 253 -6.82 -35.76 0.12
CA LEU A 253 -6.91 -34.66 -0.83
C LEU A 253 -5.85 -34.73 -1.93
N THR A 254 -4.92 -35.68 -1.86
CA THR A 254 -3.89 -35.78 -2.89
C THR A 254 -4.51 -36.11 -4.24
N LYS A 255 -5.57 -36.93 -4.26
CA LYS A 255 -6.25 -37.23 -5.51
C LYS A 255 -6.96 -36.00 -6.07
N ASP A 256 -7.43 -35.12 -5.18
CA ASP A 256 -8.10 -33.90 -5.62
C ASP A 256 -7.10 -32.92 -6.23
N ASN A 257 -7.65 -31.95 -6.98
CA ASN A 257 -6.85 -30.88 -7.56
C ASN A 257 -7.26 -29.50 -7.05
N MET A 258 -8.55 -29.15 -7.11
CA MET A 258 -8.98 -27.86 -6.61
C MET A 258 -8.89 -27.79 -5.09
N ALA A 259 -9.23 -28.90 -4.41
CA ALA A 259 -9.13 -28.95 -2.96
C ALA A 259 -7.69 -28.78 -2.51
N LEU A 260 -6.75 -29.35 -3.27
CA LEU A 260 -5.34 -29.18 -2.92
C LEU A 260 -4.90 -27.73 -3.02
N GLN A 261 -5.35 -27.02 -4.06
CA GLN A 261 -5.02 -25.61 -4.18
C GLN A 261 -5.64 -24.79 -3.06
N ARG A 262 -6.89 -25.08 -2.70
CA ARG A 262 -7.51 -24.38 -1.59
C ARG A 262 -6.74 -24.63 -0.29
N VAL A 263 -6.33 -25.88 -0.06
CA VAL A 263 -5.58 -26.20 1.15
C VAL A 263 -4.22 -25.49 1.14
N ARG A 264 -3.58 -25.42 -0.03
CA ARG A 264 -2.30 -24.74 -0.13
C ARG A 264 -2.43 -23.25 0.20
N GLU A 265 -3.46 -22.60 -0.33
CA GLU A 265 -3.66 -21.19 -0.01
C GLU A 265 -3.97 -20.99 1.46
N ALA A 266 -4.79 -21.87 2.05
CA ALA A 266 -5.09 -21.76 3.47
C ALA A 266 -3.83 -21.97 4.31
N ALA A 267 -2.97 -22.90 3.90
CA ALA A 267 -1.72 -23.14 4.61
C ALA A 267 -0.79 -21.93 4.53
N GLU A 268 -0.70 -21.32 3.35
CA GLU A 268 0.12 -20.12 3.22
C GLU A 268 -0.42 -18.99 4.11
N LYS A 269 -1.74 -18.80 4.13
CA LYS A 269 -2.32 -17.76 4.98
C LYS A 269 -2.08 -18.05 6.45
N ALA A 270 -2.21 -19.30 6.88
CA ALA A 270 -1.95 -19.65 8.27
C ALA A 270 -0.48 -19.47 8.64
N LYS A 271 0.43 -19.86 7.75
CA LYS A 271 1.84 -19.67 8.00
C LYS A 271 2.19 -18.19 8.10
N CYS A 272 1.63 -17.36 7.22
CA CYS A 272 1.83 -15.92 7.34
C CYS A 272 1.12 -15.34 8.55
N GLU A 273 0.17 -16.06 9.13
CA GLU A 273 -0.47 -15.63 10.36
C GLU A 273 0.22 -16.15 11.61
N LEU A 274 0.92 -17.28 11.50
CA LEU A 274 1.64 -17.83 12.65
C LEU A 274 3.00 -17.15 12.82
N SER A 275 3.00 -15.82 12.77
CA SER A 275 4.17 -15.03 13.11
C SER A 275 3.85 -13.85 14.02
N SER A 276 2.57 -13.48 14.17
CA SER A 276 2.14 -12.44 15.09
C SER A 276 1.15 -12.93 16.13
N SER A 277 0.61 -14.14 15.98
CA SER A 277 -0.34 -14.70 16.93
C SER A 277 0.03 -16.15 17.21
N VAL A 278 -0.35 -16.62 18.41
CA VAL A 278 0.03 -17.96 18.84
C VAL A 278 -0.73 -19.02 18.05
N GLN A 279 -2.03 -18.84 17.86
CA GLN A 279 -2.87 -19.85 17.25
C GLN A 279 -3.51 -19.33 15.97
N THR A 280 -4.01 -20.25 15.15
CA THR A 280 -4.69 -19.90 13.93
C THR A 280 -5.77 -20.94 13.64
N ASP A 281 -6.77 -20.52 12.87
CA ASP A 281 -7.87 -21.39 12.47
C ASP A 281 -7.90 -21.50 10.95
N ILE A 282 -8.02 -22.72 10.46
CA ILE A 282 -8.08 -23.00 9.02
C ILE A 282 -9.47 -23.51 8.70
N ASN A 283 -10.28 -22.68 8.04
CA ASN A 283 -11.64 -23.03 7.65
C ASN A 283 -11.72 -23.09 6.13
N LEU A 284 -12.13 -24.25 5.60
CA LEU A 284 -12.32 -24.43 4.17
C LEU A 284 -13.65 -25.12 3.94
N PRO A 285 -14.76 -24.39 4.00
CA PRO A 285 -16.07 -25.02 3.81
C PRO A 285 -16.20 -25.65 2.43
N TYR A 286 -16.94 -26.75 2.38
CA TYR A 286 -17.18 -27.48 1.14
C TYR A 286 -15.88 -27.84 0.44
N LEU A 287 -14.96 -28.42 1.20
CA LEU A 287 -13.65 -28.74 0.65
C LEU A 287 -13.73 -29.90 -0.34
N THR A 288 -14.45 -30.96 0.02
CA THR A 288 -14.55 -32.15 -0.83
C THR A 288 -16.00 -32.60 -0.91
N MET A 289 -16.33 -33.29 -1.99
CA MET A 289 -17.67 -33.80 -2.24
C MET A 289 -17.62 -35.32 -2.15
N ASP A 290 -18.47 -35.90 -1.30
CA ASP A 290 -18.49 -37.33 -1.07
C ASP A 290 -19.92 -37.86 -1.18
N SER A 291 -20.03 -39.19 -1.26
CA SER A 291 -21.33 -39.82 -1.39
C SER A 291 -22.20 -39.56 -0.16
N SER A 292 -21.62 -39.61 1.03
CA SER A 292 -22.37 -39.39 2.26
C SER A 292 -22.66 -37.91 2.52
N GLY A 293 -22.11 -37.01 1.71
CA GLY A 293 -22.31 -35.60 1.89
C GLY A 293 -21.02 -34.83 1.84
N PRO A 294 -21.10 -33.51 1.72
CA PRO A 294 -19.90 -32.68 1.68
C PRO A 294 -19.16 -32.72 3.01
N LYS A 295 -17.84 -32.48 2.94
CA LYS A 295 -16.99 -32.45 4.11
C LYS A 295 -16.32 -31.09 4.19
N HIS A 296 -16.37 -30.48 5.37
CA HIS A 296 -15.79 -29.17 5.62
C HIS A 296 -14.59 -29.31 6.56
N LEU A 297 -13.45 -28.78 6.14
CA LEU A 297 -12.25 -28.83 6.96
C LEU A 297 -12.30 -27.72 8.01
N ASN A 298 -11.91 -28.04 9.24
CA ASN A 298 -11.85 -27.07 10.33
C ASN A 298 -10.75 -27.50 11.30
N MET A 299 -9.59 -26.86 11.19
CA MET A 299 -8.42 -27.22 11.97
C MET A 299 -7.92 -26.01 12.73
N LYS A 300 -7.57 -26.21 14.00
CA LYS A 300 -6.87 -25.21 14.80
C LYS A 300 -5.39 -25.58 14.82
N LEU A 301 -4.54 -24.58 14.60
CA LEU A 301 -3.09 -24.80 14.56
C LEU A 301 -2.43 -23.83 15.53
N THR A 302 -1.60 -24.38 16.42
CA THR A 302 -0.87 -23.58 17.40
C THR A 302 0.57 -23.37 16.91
N ARG A 303 1.20 -22.32 17.43
CA ARG A 303 2.55 -21.98 16.99
C ARG A 303 3.52 -23.10 17.31
N ALA A 304 3.34 -23.76 18.46
CA ALA A 304 4.24 -24.85 18.84
C ALA A 304 4.15 -26.01 17.85
N GLN A 305 2.95 -26.32 17.37
CA GLN A 305 2.79 -27.39 16.39
C GLN A 305 3.55 -27.08 15.11
N PHE A 306 3.41 -25.86 14.59
CA PHE A 306 4.12 -25.48 13.38
C PHE A 306 5.63 -25.45 13.61
N GLU A 307 6.07 -24.96 14.77
CA GLU A 307 7.49 -24.96 15.06
C GLU A 307 8.05 -26.37 15.14
N GLY A 308 7.23 -27.33 15.60
CA GLY A 308 7.66 -28.71 15.62
C GLY A 308 7.60 -29.42 14.28
N ILE A 309 6.72 -28.98 13.38
CA ILE A 309 6.65 -29.57 12.04
C ILE A 309 7.93 -29.29 11.27
N VAL A 310 8.40 -28.05 11.32
CA VAL A 310 9.48 -27.58 10.46
C VAL A 310 10.78 -27.38 11.23
N THR A 311 10.89 -27.95 12.43
CA THR A 311 12.09 -27.73 13.23
C THR A 311 13.33 -28.32 12.55
N ASP A 312 13.16 -29.34 11.72
CA ASP A 312 14.31 -29.89 11.01
C ASP A 312 14.79 -28.94 9.93
N LEU A 313 13.87 -28.28 9.22
CA LEU A 313 14.26 -27.32 8.20
C LEU A 313 14.99 -26.14 8.82
N ILE A 314 14.50 -25.63 9.95
CA ILE A 314 15.17 -24.53 10.64
C ILE A 314 16.53 -24.99 11.15
N ARG A 315 16.60 -26.19 11.71
CA ARG A 315 17.86 -26.69 12.26
C ARG A 315 18.88 -27.03 11.17
N ARG A 316 18.44 -27.19 9.93
CA ARG A 316 19.38 -27.40 8.83
C ARG A 316 20.12 -26.14 8.43
N THR A 317 19.79 -24.98 9.02
CA THR A 317 20.48 -23.73 8.76
C THR A 317 21.51 -23.41 9.82
N ILE A 318 21.95 -24.40 10.60
CA ILE A 318 22.81 -24.16 11.75
C ILE A 318 24.27 -24.46 11.38
N ALA A 319 24.49 -25.51 10.61
CA ALA A 319 25.85 -25.90 10.25
C ALA A 319 26.47 -24.98 9.20
N PRO A 320 25.77 -24.64 8.11
CA PRO A 320 26.38 -23.70 7.14
C PRO A 320 26.72 -22.36 7.75
N CYS A 321 25.89 -21.84 8.65
CA CYS A 321 26.20 -20.56 9.29
C CYS A 321 27.44 -20.67 10.16
N GLN A 322 27.57 -21.76 10.92
CA GLN A 322 28.76 -21.94 11.75
C GLN A 322 30.01 -22.07 10.89
N LYS A 323 29.92 -22.78 9.76
CA LYS A 323 31.08 -22.88 8.89
C LYS A 323 31.40 -21.54 8.23
N ALA A 324 30.38 -20.71 7.97
CA ALA A 324 30.64 -19.36 7.48
C ALA A 324 31.36 -18.52 8.53
N MET A 325 30.98 -18.68 9.80
CA MET A 325 31.71 -18.01 10.87
C MET A 325 33.16 -18.48 10.92
N GLN A 326 33.37 -19.79 10.79
CA GLN A 326 34.73 -20.33 10.88
C GLN A 326 35.60 -19.85 9.72
N ASP A 327 35.07 -19.88 8.49
CA ASP A 327 35.87 -19.46 7.34
C ASP A 327 36.19 -17.96 7.40
N ALA A 328 35.22 -17.15 7.82
CA ALA A 328 35.45 -15.72 7.94
C ALA A 328 36.38 -15.35 9.09
N GLU A 329 36.73 -16.31 9.94
CA GLU A 329 37.65 -16.10 11.06
C GLU A 329 37.09 -15.08 12.05
N VAL A 330 35.80 -15.23 12.37
CA VAL A 330 35.14 -14.41 13.37
C VAL A 330 34.30 -15.31 14.27
N SER A 331 33.98 -14.80 15.45
CA SER A 331 33.20 -15.52 16.43
C SER A 331 31.92 -14.74 16.76
N LYS A 332 31.16 -15.24 17.74
CA LYS A 332 29.91 -14.59 18.10
C LYS A 332 30.13 -13.18 18.63
N SER A 333 31.29 -12.90 19.23
CA SER A 333 31.56 -11.59 19.79
C SER A 333 32.00 -10.57 18.75
N ASP A 334 32.53 -11.02 17.61
CA ASP A 334 33.02 -10.09 16.59
C ASP A 334 31.93 -9.62 15.64
N ILE A 335 30.74 -10.22 15.68
CA ILE A 335 29.65 -9.82 14.80
C ILE A 335 28.95 -8.61 15.40
N GLY A 336 28.88 -7.52 14.64
CA GLY A 336 28.28 -6.29 15.13
C GLY A 336 26.80 -6.14 14.90
N GLU A 337 26.23 -6.89 13.96
CA GLU A 337 24.80 -6.82 13.66
C GLU A 337 24.45 -7.96 12.71
N VAL A 338 23.21 -8.43 12.82
CA VAL A 338 22.70 -9.49 11.96
C VAL A 338 21.57 -8.92 11.11
N ILE A 339 21.57 -9.29 9.82
CA ILE A 339 20.64 -8.78 8.83
C ILE A 339 19.76 -9.92 8.36
N LEU A 340 18.45 -9.75 8.49
CA LEU A 340 17.48 -10.77 8.10
C LEU A 340 16.90 -10.44 6.74
N VAL A 341 17.03 -11.37 5.80
CA VAL A 341 16.45 -11.23 4.46
C VAL A 341 15.71 -12.53 4.12
N GLY A 342 14.59 -12.39 3.46
CA GLY A 342 13.83 -13.56 3.08
C GLY A 342 12.46 -13.59 3.73
N GLY A 343 11.53 -14.28 3.06
CA GLY A 343 10.13 -14.23 3.48
C GLY A 343 9.83 -14.95 4.79
N MET A 344 10.62 -15.95 5.14
CA MET A 344 10.33 -16.76 6.32
C MET A 344 11.06 -16.30 7.56
N THR A 345 11.82 -15.21 7.49
CA THR A 345 12.56 -14.75 8.66
C THR A 345 11.70 -13.99 9.65
N ARG A 346 10.40 -13.83 9.38
CA ARG A 346 9.50 -13.20 10.34
C ARG A 346 9.02 -14.16 11.40
N MET A 347 9.21 -15.46 11.22
CA MET A 347 8.81 -16.43 12.23
C MET A 347 9.69 -16.25 13.47
N PRO A 348 9.11 -16.09 14.66
CA PRO A 348 9.94 -15.89 15.86
C PRO A 348 10.90 -17.04 16.13
N LYS A 349 10.60 -18.25 15.68
CA LYS A 349 11.53 -19.36 15.87
C LYS A 349 12.82 -19.13 15.08
N VAL A 350 12.70 -18.64 13.85
CA VAL A 350 13.89 -18.41 13.03
C VAL A 350 14.76 -17.31 13.63
N GLN A 351 14.13 -16.22 14.08
CA GLN A 351 14.90 -15.16 14.73
C GLN A 351 15.52 -15.63 16.04
N GLN A 352 14.81 -16.50 16.78
CA GLN A 352 15.39 -17.08 17.98
C GLN A 352 16.62 -17.93 17.64
N THR A 353 16.52 -18.71 16.56
CA THR A 353 17.67 -19.49 16.12
C THR A 353 18.84 -18.59 15.76
N VAL A 354 18.58 -17.50 15.03
CA VAL A 354 19.65 -16.59 14.64
C VAL A 354 20.29 -15.96 15.87
N GLN A 355 19.48 -15.54 16.83
CA GLN A 355 20.03 -14.96 18.05
C GLN A 355 20.86 -15.98 18.82
N ASP A 356 20.39 -17.23 18.90
CA ASP A 356 21.15 -18.27 19.56
C ASP A 356 22.41 -18.63 18.80
N LEU A 357 22.46 -18.31 17.51
CA LEU A 357 23.56 -18.72 16.65
C LEU A 357 24.64 -17.67 16.50
N PHE A 358 24.29 -16.39 16.63
CA PHE A 358 25.25 -15.30 16.55
C PHE A 358 25.42 -14.53 17.86
N GLY A 359 24.55 -14.74 18.84
CA GLY A 359 24.63 -13.99 20.06
C GLY A 359 24.16 -12.55 19.95
N ARG A 360 23.47 -12.20 18.87
CA ARG A 360 23.03 -10.84 18.63
C ARG A 360 21.55 -10.83 18.25
N ALA A 361 20.86 -9.78 18.65
CA ALA A 361 19.45 -9.63 18.29
C ALA A 361 19.35 -9.15 16.84
N PRO A 362 18.72 -9.91 15.96
CA PRO A 362 18.66 -9.50 14.54
C PRO A 362 17.82 -8.26 14.35
N SER A 363 18.16 -7.50 13.31
CA SER A 363 17.45 -6.28 12.96
C SER A 363 16.30 -6.61 12.03
N LYS A 364 15.08 -6.24 12.42
CA LYS A 364 13.90 -6.54 11.63
C LYS A 364 13.17 -5.26 11.24
N ALA A 365 13.90 -4.26 10.77
CA ALA A 365 13.34 -2.96 10.44
C ALA A 365 12.94 -2.82 8.97
N VAL A 366 13.49 -3.65 8.09
CA VAL A 366 13.22 -3.56 6.65
C VAL A 366 12.53 -4.84 6.22
N ASN A 367 11.43 -4.71 5.47
CA ASN A 367 10.67 -5.82 4.93
C ASN A 367 11.63 -6.77 4.22
N PRO A 368 11.87 -7.96 4.76
CA PRO A 368 12.86 -8.87 4.15
C PRO A 368 12.50 -9.33 2.75
N ASP A 369 11.23 -9.31 2.37
CA ASP A 369 10.87 -9.69 1.01
C ASP A 369 11.46 -8.73 -0.01
N GLU A 370 11.44 -7.43 0.29
CA GLU A 370 11.86 -6.42 -0.66
C GLU A 370 13.04 -5.61 -0.12
N ALA A 371 14.05 -6.29 0.42
CA ALA A 371 15.24 -5.61 0.91
C ALA A 371 16.29 -5.46 -0.18
N VAL A 372 16.47 -6.48 -1.02
CA VAL A 372 17.47 -6.40 -2.07
C VAL A 372 17.10 -5.33 -3.09
N ALA A 373 15.84 -5.29 -3.50
CA ALA A 373 15.41 -4.28 -4.47
C ALA A 373 15.56 -2.87 -3.93
N ILE A 374 15.14 -2.65 -2.68
CA ILE A 374 15.23 -1.32 -2.09
C ILE A 374 16.69 -0.92 -1.91
N GLY A 375 17.54 -1.85 -1.48
CA GLY A 375 18.96 -1.54 -1.34
C GLY A 375 19.60 -1.20 -2.67
N ALA A 376 19.26 -1.95 -3.73
CA ALA A 376 19.79 -1.63 -5.05
C ALA A 376 19.31 -0.27 -5.51
N ALA A 377 18.05 0.08 -5.23
CA ALA A 377 17.55 1.39 -5.59
C ALA A 377 18.30 2.49 -4.86
N ILE A 378 18.58 2.30 -3.57
CA ILE A 378 19.31 3.30 -2.80
C ILE A 378 20.72 3.47 -3.34
N GLN A 379 21.39 2.35 -3.62
CA GLN A 379 22.75 2.43 -4.15
C GLN A 379 22.77 3.10 -5.52
N GLY A 380 21.80 2.79 -6.38
CA GLY A 380 21.73 3.44 -7.67
C GLY A 380 21.47 4.93 -7.55
N GLY A 381 20.59 5.33 -6.63
CA GLY A 381 20.34 6.75 -6.43
C GLY A 381 21.58 7.48 -5.94
N VAL A 382 22.35 6.84 -5.06
CA VAL A 382 23.60 7.45 -4.59
C VAL A 382 24.60 7.52 -5.74
N LEU A 383 24.62 6.50 -6.61
CA LEU A 383 25.69 6.37 -7.60
C LEU A 383 25.60 7.43 -8.69
N ALA A 384 24.39 7.69 -9.20
CA ALA A 384 24.24 8.60 -10.34
C ALA A 384 23.19 9.67 -10.16
N GLY A 385 22.23 9.51 -9.27
CA GLY A 385 21.22 10.51 -9.03
C GLY A 385 21.68 11.58 -8.05
N ASP A 386 20.76 12.45 -7.67
CA ASP A 386 21.02 13.52 -6.71
C ASP A 386 19.99 13.36 -5.58
N VAL A 387 20.32 12.52 -4.60
CA VAL A 387 19.44 12.26 -3.49
C VAL A 387 19.97 12.82 -2.18
N THR A 388 21.29 12.79 -1.96
CA THR A 388 21.87 13.40 -0.77
C THR A 388 21.56 14.89 -0.70
N ASP A 389 21.32 15.53 -1.85
CA ASP A 389 20.89 16.92 -1.84
C ASP A 389 19.53 17.06 -1.17
N VAL A 390 18.62 16.12 -1.44
CA VAL A 390 17.33 16.12 -0.76
C VAL A 390 17.49 15.74 0.71
N LEU A 391 18.49 14.90 1.02
CA LEU A 391 18.70 14.49 2.40
C LEU A 391 19.01 15.68 3.31
N LEU A 392 19.87 16.59 2.84
CA LEU A 392 20.23 17.76 3.63
C LEU A 392 19.15 18.83 3.62
N LEU A 393 18.11 18.68 2.80
CA LEU A 393 17.00 19.63 2.77
C LEU A 393 16.21 19.50 4.05
N ASP A 394 16.33 20.50 4.93
CA ASP A 394 15.61 20.48 6.20
C ASP A 394 14.11 20.68 5.96
N VAL A 395 13.31 20.20 6.91
CA VAL A 395 11.87 20.30 6.85
C VAL A 395 11.39 21.15 8.02
N THR A 396 10.21 21.73 7.87
CA THR A 396 9.62 22.51 8.94
C THR A 396 9.32 21.62 10.14
N PRO A 397 9.65 22.06 11.35
CA PRO A 397 9.39 21.22 12.52
C PRO A 397 7.92 21.12 12.87
N LEU A 398 7.18 22.23 12.79
CA LEU A 398 5.78 22.24 13.17
C LEU A 398 5.07 23.29 12.34
N SER A 399 3.77 23.08 12.13
CA SER A 399 3.00 23.89 11.18
C SER A 399 2.89 25.34 11.63
N LEU A 400 2.72 26.24 10.65
CA LEU A 400 2.57 27.66 10.87
C LEU A 400 1.22 28.13 10.34
N GLY A 401 0.91 29.39 10.59
CA GLY A 401 -0.32 29.97 10.08
C GLY A 401 -0.57 31.33 10.70
N ILE A 402 -1.81 31.81 10.49
CA ILE A 402 -2.26 33.08 11.03
C ILE A 402 -3.59 32.87 11.75
N GLU A 403 -4.05 33.92 12.42
CA GLU A 403 -5.29 33.89 13.17
C GLU A 403 -6.49 34.14 12.23
N THR A 404 -7.69 33.90 12.78
CA THR A 404 -8.93 34.12 12.06
C THR A 404 -9.88 34.88 12.96
N LEU A 405 -10.83 35.59 12.34
CA LEU A 405 -11.78 36.43 13.10
C LEU A 405 -12.53 35.62 14.14
N GLY A 406 -12.92 34.39 13.80
CA GLY A 406 -13.65 33.54 14.71
C GLY A 406 -12.81 32.70 15.64
N GLY A 407 -11.51 33.01 15.77
CA GLY A 407 -10.63 32.24 16.61
C GLY A 407 -10.03 31.02 15.96
N VAL A 408 -10.32 30.78 14.67
CA VAL A 408 -9.76 29.62 13.98
C VAL A 408 -8.28 29.88 13.67
N PHE A 409 -7.56 28.79 13.48
CA PHE A 409 -6.13 28.83 13.14
C PHE A 409 -5.98 28.29 11.71
N THR A 410 -5.89 29.20 10.75
CA THR A 410 -5.78 28.80 9.36
C THR A 410 -4.40 28.21 9.07
N LYS A 411 -4.38 27.07 8.40
CA LYS A 411 -3.14 26.37 8.08
C LYS A 411 -2.68 26.81 6.69
N LEU A 412 -1.72 27.75 6.65
CA LEU A 412 -1.12 28.15 5.38
C LEU A 412 -0.01 27.18 4.96
N ILE A 413 0.78 26.72 5.91
CA ILE A 413 1.79 25.70 5.69
C ILE A 413 1.61 24.61 6.74
N ASN A 414 1.66 23.36 6.32
CA ASN A 414 1.44 22.23 7.22
C ASN A 414 2.70 21.96 8.03
N ARG A 415 2.71 20.84 8.76
CA ARG A 415 3.80 20.55 9.68
C ARG A 415 5.05 20.11 8.94
N ASN A 416 4.97 18.99 8.23
CA ASN A 416 6.15 18.39 7.59
C ASN A 416 6.27 18.89 6.15
N THR A 417 6.65 20.17 6.04
CA THR A 417 6.87 20.83 4.77
C THR A 417 8.33 21.21 4.63
N THR A 418 8.89 20.98 3.45
CA THR A 418 10.28 21.35 3.21
C THR A 418 10.47 22.85 3.36
N ILE A 419 11.61 23.23 3.94
CA ILE A 419 11.79 24.62 4.38
C ILE A 419 11.76 25.63 3.23
N PRO A 420 12.52 25.46 2.12
CA PRO A 420 12.54 26.51 1.10
C PRO A 420 11.27 26.56 0.28
N THR A 421 10.20 27.13 0.83
CA THR A 421 8.92 27.18 0.15
C THR A 421 8.30 28.57 0.31
N LYS A 422 7.40 28.89 -0.61
CA LYS A 422 6.58 30.09 -0.51
C LYS A 422 5.13 29.70 -0.75
N LYS A 423 4.23 30.28 0.03
CA LYS A 423 2.80 30.01 -0.08
C LYS A 423 2.04 31.27 0.24
N SER A 424 0.91 31.48 -0.44
CA SER A 424 0.10 32.67 -0.26
C SER A 424 -1.37 32.29 -0.18
N GLN A 425 -2.15 33.15 0.49
CA GLN A 425 -3.58 32.96 0.61
C GLN A 425 -4.24 34.31 0.79
N VAL A 426 -5.33 34.54 0.06
CA VAL A 426 -6.04 35.81 0.11
C VAL A 426 -7.01 35.79 1.28
N PHE A 427 -7.23 36.96 1.87
CA PHE A 427 -8.14 37.11 3.00
C PHE A 427 -8.88 38.44 2.89
N SER A 428 -10.05 38.51 3.51
CA SER A 428 -10.89 39.74 3.41
C SER A 428 -10.99 40.46 4.76
N THR A 429 -11.67 41.60 4.79
CA THR A 429 -11.79 42.41 6.04
C THR A 429 -12.68 41.69 7.07
N ALA A 430 -12.57 42.09 8.34
CA ALA A 430 -13.41 41.50 9.40
C ALA A 430 -14.87 41.91 9.21
N ALA A 431 -15.15 43.21 9.17
CA ALA A 431 -16.52 43.68 9.04
C ALA A 431 -16.56 44.93 8.19
N ASP A 432 -17.77 45.39 7.90
CA ASP A 432 -17.97 46.58 7.08
C ASP A 432 -17.39 47.80 7.79
N GLY A 433 -16.67 48.63 7.04
CA GLY A 433 -16.09 49.84 7.56
C GLY A 433 -14.79 49.67 8.31
N GLN A 434 -14.26 48.45 8.40
CA GLN A 434 -13.01 48.23 9.12
C GLN A 434 -11.83 48.74 8.30
N THR A 435 -10.94 49.49 8.96
CA THR A 435 -9.73 50.00 8.34
C THR A 435 -8.46 49.52 9.01
N GLN A 436 -8.55 48.83 10.14
CA GLN A 436 -7.38 48.30 10.84
C GLN A 436 -7.43 46.78 10.78
N VAL A 437 -6.35 46.17 10.28
CA VAL A 437 -6.25 44.73 10.15
C VAL A 437 -4.98 44.28 10.87
N GLU A 438 -5.14 43.37 11.83
CA GLU A 438 -4.04 42.84 12.61
C GLU A 438 -3.84 41.37 12.28
N ILE A 439 -2.58 40.96 12.21
CA ILE A 439 -2.21 39.58 11.90
C ILE A 439 -1.48 38.99 13.09
N LYS A 440 -1.92 37.83 13.56
CA LYS A 440 -1.29 37.11 14.66
C LYS A 440 -0.74 35.81 14.11
N VAL A 441 0.59 35.71 14.04
CA VAL A 441 1.27 34.53 13.54
C VAL A 441 1.64 33.62 14.69
N CYS A 442 1.26 32.35 14.60
CA CYS A 442 1.53 31.39 15.65
C CYS A 442 1.91 30.05 15.02
N GLN A 443 2.56 29.22 15.82
CA GLN A 443 3.04 27.91 15.38
C GLN A 443 2.41 26.84 16.25
N GLY A 444 1.84 25.82 15.61
CA GLY A 444 1.24 24.73 16.36
C GLY A 444 0.48 23.78 15.46
N GLU A 445 -0.12 22.76 16.08
CA GLU A 445 -0.84 21.71 15.39
C GLU A 445 -2.32 21.65 15.70
N ARG A 446 -2.76 22.19 16.84
CA ARG A 446 -4.17 22.19 17.20
C ARG A 446 -4.92 23.21 16.35
N GLU A 447 -6.22 22.98 16.19
CA GLU A 447 -7.07 23.87 15.39
C GLU A 447 -7.61 25.01 16.26
N MET A 448 -6.70 25.70 16.92
CA MET A 448 -7.05 26.83 17.76
C MET A 448 -5.97 27.91 17.62
N ALA A 449 -6.36 29.15 17.87
CA ALA A 449 -5.47 30.27 17.65
C ALA A 449 -4.37 30.32 18.71
N GLY A 450 -4.76 30.48 19.98
CA GLY A 450 -3.81 30.63 21.07
C GLY A 450 -3.58 29.42 21.94
N ASP A 451 -3.98 28.24 21.49
CA ASP A 451 -3.82 27.02 22.30
C ASP A 451 -2.51 26.29 22.00
N ASN A 452 -1.70 26.78 21.06
CA ASN A 452 -0.46 26.12 20.69
C ASN A 452 0.77 26.94 21.06
N LYS A 453 0.85 28.17 20.56
CA LYS A 453 2.01 29.04 20.74
C LYS A 453 1.62 30.41 20.16
N LEU A 454 2.59 31.33 20.15
CA LEU A 454 2.38 32.63 19.54
C LEU A 454 3.75 33.18 19.14
N LEU A 455 4.06 33.11 17.85
CA LEU A 455 5.37 33.57 17.38
C LEU A 455 5.51 35.08 17.50
N GLY A 456 4.51 35.83 17.04
CA GLY A 456 4.57 37.27 17.10
C GLY A 456 3.30 37.89 16.58
N GLN A 457 3.33 39.21 16.45
CA GLN A 457 2.16 39.96 16.01
C GLN A 457 2.61 41.19 15.26
N PHE A 458 1.88 41.55 14.20
CA PHE A 458 2.06 42.83 13.52
C PHE A 458 0.71 43.25 12.95
N THR A 459 0.57 44.56 12.73
CA THR A 459 -0.69 45.13 12.28
C THR A 459 -0.49 45.82 10.93
N LEU A 460 -1.32 45.48 9.96
CA LEU A 460 -1.34 46.14 8.67
C LEU A 460 -2.33 47.29 8.75
N ILE A 461 -1.82 48.51 8.84
CA ILE A 461 -2.63 49.70 9.10
C ILE A 461 -2.92 50.40 7.78
N GLY A 462 -4.17 50.77 7.57
CA GLY A 462 -4.58 51.53 6.40
C GLY A 462 -5.28 50.70 5.35
N ILE A 463 -6.61 50.74 5.36
CA ILE A 463 -7.45 50.06 4.37
C ILE A 463 -8.49 51.05 3.88
N PRO A 464 -8.68 51.21 2.57
CA PRO A 464 -9.78 52.05 2.07
C PRO A 464 -11.12 51.49 2.49
N PRO A 465 -12.09 52.35 2.82
CA PRO A 465 -13.40 51.86 3.24
C PRO A 465 -14.06 51.03 2.13
N ALA A 466 -14.69 49.94 2.54
CA ALA A 466 -15.35 49.02 1.62
C ALA A 466 -16.22 48.07 2.41
N PRO A 467 -17.29 47.53 1.80
CA PRO A 467 -18.12 46.56 2.52
C PRO A 467 -17.35 45.29 2.83
N ARG A 468 -17.78 44.60 3.89
CA ARG A 468 -17.08 43.41 4.36
C ARG A 468 -17.05 42.34 3.28
N GLY A 469 -15.87 41.75 3.07
CA GLY A 469 -15.67 40.71 2.10
C GLY A 469 -15.11 41.18 0.78
N VAL A 470 -15.20 42.47 0.48
CA VAL A 470 -14.70 43.02 -0.79
C VAL A 470 -13.19 43.24 -0.74
N PRO A 471 -12.63 43.86 0.30
CA PRO A 471 -11.17 44.04 0.33
C PRO A 471 -10.44 42.70 0.34
N GLN A 472 -9.30 42.66 -0.34
CA GLN A 472 -8.49 41.46 -0.46
C GLN A 472 -7.10 41.74 0.09
N ILE A 473 -6.65 40.89 1.02
CA ILE A 473 -5.34 40.99 1.63
C ILE A 473 -4.61 39.68 1.42
N GLU A 474 -3.40 39.74 0.87
CA GLU A 474 -2.61 38.56 0.55
C GLU A 474 -1.59 38.35 1.66
N VAL A 475 -1.88 37.40 2.55
CA VAL A 475 -0.94 37.02 3.61
C VAL A 475 -0.09 35.88 3.07
N THR A 476 1.16 36.17 2.73
CA THR A 476 2.06 35.21 2.11
C THR A 476 3.27 35.00 3.00
N PHE A 477 3.64 33.73 3.21
CA PHE A 477 4.83 33.40 3.96
C PHE A 477 5.98 33.11 3.00
N ASP A 478 7.13 33.70 3.27
CA ASP A 478 8.28 33.60 2.37
C ASP A 478 9.45 32.92 3.08
N ILE A 479 9.18 31.82 3.77
CA ILE A 479 10.20 31.09 4.51
C ILE A 479 11.29 30.62 3.55
N ASP A 480 12.50 31.15 3.72
CA ASP A 480 13.64 30.76 2.91
C ASP A 480 14.41 29.64 3.58
N ALA A 481 15.51 29.22 2.95
CA ALA A 481 16.31 28.13 3.46
C ALA A 481 16.89 28.47 4.83
N ASN A 482 17.38 27.43 5.51
CA ASN A 482 17.97 27.55 6.84
C ASN A 482 16.95 28.06 7.86
N GLY A 483 15.68 27.79 7.60
CA GLY A 483 14.62 28.13 8.53
C GLY A 483 14.48 29.61 8.85
N ILE A 484 14.55 30.46 7.83
CA ILE A 484 14.36 31.89 8.01
C ILE A 484 13.02 32.28 7.44
N VAL A 485 11.98 32.32 8.29
CA VAL A 485 10.62 32.53 7.83
C VAL A 485 10.33 34.02 7.71
N HIS A 486 9.99 34.46 6.49
CA HIS A 486 9.69 35.87 6.22
C HIS A 486 8.17 36.02 6.09
N VAL A 487 7.50 36.16 7.22
CA VAL A 487 6.06 36.38 7.22
C VAL A 487 5.78 37.79 6.71
N SER A 488 4.93 37.89 5.71
CA SER A 488 4.60 39.18 5.10
C SER A 488 3.12 39.21 4.78
N ALA A 489 2.49 40.36 5.03
CA ALA A 489 1.10 40.59 4.70
C ALA A 489 1.02 41.64 3.60
N LYS A 490 0.33 41.30 2.51
CA LYS A 490 0.22 42.18 1.36
C LYS A 490 -1.23 42.61 1.18
N ASP A 491 -1.45 43.91 1.06
CA ASP A 491 -2.78 44.47 0.80
C ASP A 491 -2.93 44.62 -0.71
N LYS A 492 -3.71 43.73 -1.32
CA LYS A 492 -3.91 43.78 -2.76
C LYS A 492 -4.69 45.02 -3.16
N GLY A 493 -4.23 45.70 -4.21
CA GLY A 493 -4.90 46.88 -4.70
C GLY A 493 -4.26 48.18 -4.27
N THR A 494 -3.83 48.24 -3.01
CA THR A 494 -3.22 49.46 -2.47
C THR A 494 -1.85 49.16 -1.87
N GLY A 495 -1.27 50.13 -1.18
CA GLY A 495 0.02 49.95 -0.55
C GLY A 495 -0.08 49.53 0.91
N ARG A 496 0.78 50.09 1.74
CA ARG A 496 0.81 49.81 3.18
C ARG A 496 1.00 48.33 3.46
N GLU A 497 2.17 47.82 3.05
CA GLU A 497 2.52 46.42 3.25
C GLU A 497 3.18 46.22 4.61
N GLN A 498 3.25 44.97 5.03
CA GLN A 498 3.86 44.60 6.31
C GLN A 498 4.72 43.36 6.12
N GLN A 499 5.75 43.24 6.94
CA GLN A 499 6.72 42.16 6.80
C GLN A 499 7.53 42.02 8.08
N ILE A 500 7.73 40.77 8.50
CA ILE A 500 8.44 40.47 9.74
C ILE A 500 9.38 39.30 9.50
N VAL A 501 10.39 39.19 10.37
CA VAL A 501 11.49 38.25 10.19
C VAL A 501 11.51 37.37 11.45
N ILE A 502 10.32 37.01 11.92
CA ILE A 502 10.15 36.23 13.14
C ILE A 502 11.15 35.09 13.23
N GLN A 503 11.88 35.03 14.34
CA GLN A 503 12.91 34.02 14.57
C GLN A 503 12.31 32.84 15.34
N SER A 504 13.18 31.98 15.87
CA SER A 504 12.78 30.79 16.61
C SER A 504 11.92 29.85 15.75
N SER A 505 12.30 29.74 14.47
CA SER A 505 11.64 28.81 13.56
C SER A 505 12.27 27.44 13.76
N GLY A 506 11.80 26.74 14.80
CA GLY A 506 12.36 25.45 15.15
C GLY A 506 13.71 25.52 15.83
N GLY A 507 14.05 26.65 16.45
CA GLY A 507 15.31 26.73 17.17
C GLY A 507 15.38 25.77 18.34
N LEU A 508 14.25 25.56 19.00
CA LEU A 508 14.17 24.61 20.12
C LEU A 508 13.90 23.21 19.57
N SER A 509 14.89 22.72 18.84
CA SER A 509 14.81 21.38 18.23
C SER A 509 15.02 20.34 19.32
N LYS A 510 13.96 19.64 19.68
CA LYS A 510 13.99 18.66 20.75
C LYS A 510 12.95 17.58 20.43
N ASP A 511 12.56 16.81 21.45
CA ASP A 511 11.50 15.83 21.30
C ASP A 511 10.12 16.47 21.09
N ASP A 512 10.06 17.80 20.98
CA ASP A 512 8.80 18.48 20.70
C ASP A 512 8.19 18.03 19.38
N ILE A 513 9.02 17.57 18.44
CA ILE A 513 8.49 17.05 17.18
C ILE A 513 7.55 15.88 17.43
N GLU A 514 7.89 15.02 18.41
CA GLU A 514 7.12 13.82 18.64
C GLU A 514 6.14 13.91 19.82
N ASN A 515 6.32 14.86 20.74
CA ASN A 515 5.43 14.90 21.90
C ASN A 515 4.33 15.96 21.81
N MET A 516 4.54 17.08 21.09
CA MET A 516 3.40 17.92 20.73
C MET A 516 2.54 17.30 19.63
N VAL A 517 3.05 16.29 18.92
CA VAL A 517 2.21 15.62 17.92
C VAL A 517 1.49 14.42 18.51
N LYS A 518 2.01 13.87 19.62
CA LYS A 518 1.37 12.72 20.25
C LYS A 518 0.05 13.12 20.90
N ASN A 519 0.03 14.24 21.63
CA ASN A 519 -1.19 14.70 22.27
C ASN A 519 -2.12 15.42 21.31
N ALA A 520 -1.63 15.83 20.14
CA ALA A 520 -2.47 16.49 19.16
C ALA A 520 -3.40 15.53 18.44
N GLU A 521 -3.02 14.25 18.33
CA GLU A 521 -3.86 13.25 17.70
C GLU A 521 -4.98 12.77 18.62
N LYS A 522 -4.69 12.61 19.92
CA LYS A 522 -5.73 12.25 20.88
C LYS A 522 -6.75 13.38 21.02
N TYR A 523 -6.27 14.62 21.09
CA TYR A 523 -7.15 15.78 21.17
C TYR A 523 -7.43 16.35 19.77
N ALA A 524 -8.06 15.53 18.95
CA ALA A 524 -8.39 15.89 17.58
C ALA A 524 -9.89 15.96 17.33
N GLU A 525 -10.64 14.94 17.75
CA GLU A 525 -12.08 14.95 17.53
C GLU A 525 -12.76 16.09 18.30
N GLU A 526 -12.35 16.29 19.56
CA GLU A 526 -12.89 17.41 20.33
C GLU A 526 -12.47 18.75 19.74
N ASP A 527 -11.22 18.86 19.28
CA ASP A 527 -10.77 20.08 18.64
C ASP A 527 -11.55 20.35 17.36
N ARG A 528 -11.80 19.31 16.56
CA ARG A 528 -12.61 19.47 15.35
C ARG A 528 -14.03 19.88 15.71
N ARG A 529 -14.58 19.31 16.77
CA ARG A 529 -15.94 19.65 17.18
C ARG A 529 -16.04 21.12 17.60
N LYS A 530 -15.09 21.60 18.40
CA LYS A 530 -15.15 22.99 18.82
C LYS A 530 -14.86 23.94 17.66
N LYS A 531 -13.96 23.55 16.74
CA LYS A 531 -13.74 24.38 15.56
C LYS A 531 -15.01 24.47 14.70
N GLU A 532 -15.72 23.35 14.56
CA GLU A 532 -16.98 23.38 13.82
C GLU A 532 -18.01 24.24 14.54
N ARG A 533 -18.05 24.17 15.87
CA ARG A 533 -18.98 24.99 16.63
C ARG A 533 -18.69 26.48 16.44
N VAL A 534 -17.42 26.87 16.53
CA VAL A 534 -17.10 28.28 16.36
C VAL A 534 -17.32 28.73 14.93
N GLU A 535 -17.07 27.87 13.94
CA GLU A 535 -17.38 28.23 12.56
C GLU A 535 -18.88 28.41 12.35
N ALA A 536 -19.67 27.53 12.99
CA ALA A 536 -21.12 27.69 12.94
C ALA A 536 -21.56 29.01 13.55
N VAL A 537 -20.97 29.37 14.69
CA VAL A 537 -21.27 30.66 15.32
C VAL A 537 -20.89 31.80 14.39
N ASN A 538 -19.75 31.68 13.72
CA ASN A 538 -19.29 32.75 12.83
C ASN A 538 -20.24 32.95 11.66
N MET A 539 -20.62 31.86 10.98
CA MET A 539 -21.52 32.06 9.84
C MET A 539 -22.92 32.43 10.30
N ALA A 540 -23.33 31.98 11.49
CA ALA A 540 -24.63 32.38 12.02
C ALA A 540 -24.67 33.89 12.29
N GLU A 541 -23.61 34.42 12.92
CA GLU A 541 -23.59 35.85 13.19
C GLU A 541 -23.44 36.65 11.90
N GLY A 542 -22.69 36.14 10.93
CA GLY A 542 -22.63 36.82 9.64
C GLY A 542 -23.99 36.89 8.97
N ILE A 543 -24.72 35.77 8.96
CA ILE A 543 -26.05 35.74 8.36
C ILE A 543 -26.99 36.67 9.11
N ILE A 544 -26.93 36.68 10.44
CA ILE A 544 -27.82 37.53 11.21
C ILE A 544 -27.49 39.00 10.99
N HIS A 545 -26.20 39.33 10.82
CA HIS A 545 -25.82 40.71 10.53
C HIS A 545 -26.31 41.14 9.16
N ASP A 546 -26.19 40.25 8.16
CA ASP A 546 -26.70 40.56 6.83
C ASP A 546 -28.22 40.76 6.87
N THR A 547 -28.92 39.90 7.60
CA THR A 547 -30.38 40.03 7.72
C THR A 547 -30.75 41.34 8.40
N GLU A 548 -30.04 41.70 9.47
CA GLU A 548 -30.32 42.96 10.16
C GLU A 548 -30.05 44.16 9.26
N THR A 549 -28.96 44.12 8.49
CA THR A 549 -28.65 45.21 7.57
C THR A 549 -29.72 45.34 6.49
N LYS A 550 -30.20 44.21 5.97
CA LYS A 550 -31.26 44.26 4.97
C LYS A 550 -32.59 44.72 5.58
N MET A 551 -32.83 44.39 6.85
CA MET A 551 -34.07 44.81 7.49
C MET A 551 -34.07 46.31 7.81
N GLU A 552 -32.91 46.84 8.19
CA GLU A 552 -32.80 48.26 8.51
C GLU A 552 -32.75 49.15 7.26
N GLU A 553 -32.71 48.55 6.07
CA GLU A 553 -32.78 49.31 4.83
C GLU A 553 -34.22 49.54 4.39
N PHE A 554 -35.08 48.54 4.55
CA PHE A 554 -36.49 48.64 4.17
C PHE A 554 -37.34 48.59 5.43
N LYS A 555 -38.07 49.66 5.69
CA LYS A 555 -38.88 49.76 6.90
C LYS A 555 -40.34 50.07 6.63
N ASP A 556 -40.64 50.85 5.61
CA ASP A 556 -42.03 51.21 5.31
C ASP A 556 -42.80 49.98 4.84
N GLN A 557 -44.08 49.93 5.23
CA GLN A 557 -44.99 48.82 4.91
C GLN A 557 -44.31 47.46 5.00
N LEU A 558 -43.58 47.26 6.10
CA LEU A 558 -42.80 46.04 6.34
C LEU A 558 -43.33 45.37 7.60
N PRO A 559 -44.27 44.42 7.47
CA PRO A 559 -44.74 43.66 8.65
C PRO A 559 -43.85 42.46 8.92
N ALA A 560 -42.65 42.72 9.44
CA ALA A 560 -41.65 41.69 9.67
C ALA A 560 -41.71 41.09 11.07
N ASP A 561 -42.88 41.15 11.72
CA ASP A 561 -43.01 40.51 13.03
C ASP A 561 -42.91 38.99 12.90
N GLU A 562 -43.38 38.42 11.79
CA GLU A 562 -43.20 36.99 11.56
C GLU A 562 -41.77 36.66 11.12
N CYS A 563 -40.98 37.68 10.77
CA CYS A 563 -39.60 37.49 10.37
C CYS A 563 -38.61 37.63 11.52
N ASN A 564 -39.03 37.28 12.74
CA ASN A 564 -38.20 37.43 13.93
C ASN A 564 -37.39 36.18 14.24
N LYS A 565 -37.01 35.41 13.22
CA LYS A 565 -36.16 34.24 13.42
C LYS A 565 -34.79 34.61 13.98
N LEU A 566 -34.39 35.88 13.91
CA LEU A 566 -33.15 36.32 14.53
C LEU A 566 -33.15 36.06 16.03
N LYS A 567 -34.32 36.18 16.68
CA LYS A 567 -34.40 35.93 18.12
C LYS A 567 -34.08 34.47 18.45
N GLU A 568 -34.68 33.53 17.72
CA GLU A 568 -34.40 32.12 17.98
C GLU A 568 -32.98 31.75 17.56
N GLU A 569 -32.45 32.43 16.53
CA GLU A 569 -31.06 32.22 16.16
C GLU A 569 -30.12 32.64 17.29
N ILE A 570 -30.39 33.79 17.91
CA ILE A 570 -29.58 34.25 19.03
C ILE A 570 -29.73 33.29 20.21
N SER A 571 -30.96 32.83 20.47
CA SER A 571 -31.19 31.89 21.57
C SER A 571 -30.41 30.60 21.35
N LYS A 572 -30.38 30.09 20.12
CA LYS A 572 -29.58 28.91 19.82
C LYS A 572 -28.09 29.21 19.92
N MET A 573 -27.69 30.45 19.64
CA MET A 573 -26.28 30.82 19.75
C MET A 573 -25.79 30.69 21.19
N ARG A 574 -26.59 31.12 22.16
CA ARG A 574 -26.24 31.00 23.58
C ARG A 574 -26.66 29.63 24.11
N GLU A 575 -26.14 28.59 23.46
CA GLU A 575 -26.48 27.22 23.81
C GLU A 575 -25.31 26.32 23.41
N LEU A 576 -24.50 25.94 24.39
CA LEU A 576 -23.36 25.04 24.15
C LEU A 576 -23.78 23.58 24.27
N LEU A 577 -24.85 23.21 23.55
CA LEU A 577 -25.33 21.84 23.56
C LEU A 577 -25.67 21.29 22.17
N ALA A 578 -26.00 22.14 21.21
CA ALA A 578 -26.37 21.67 19.87
C ALA A 578 -25.12 21.33 19.06
N ARG A 579 -25.33 20.50 18.04
CA ARG A 579 -24.21 20.10 17.18
C ARG A 579 -23.69 21.27 16.37
N LYS A 580 -24.55 21.88 15.55
CA LYS A 580 -24.15 22.98 14.70
C LYS A 580 -25.38 23.82 14.37
N ASP A 581 -25.13 25.04 13.92
CA ASP A 581 -26.18 25.97 13.51
C ASP A 581 -26.35 26.03 11.99
N SER A 582 -25.70 25.13 11.25
CA SER A 582 -25.81 25.16 9.80
C SER A 582 -27.23 24.88 9.35
N GLU A 583 -27.90 23.91 9.99
CA GLU A 583 -29.28 23.59 9.64
C GLU A 583 -30.24 24.70 10.05
N THR A 584 -29.85 25.55 11.00
CA THR A 584 -30.67 26.66 11.45
C THR A 584 -30.33 27.97 10.75
N GLY A 585 -29.42 27.94 9.77
CA GLY A 585 -28.98 29.13 9.08
C GLY A 585 -29.92 29.64 8.01
N GLU A 586 -31.11 29.06 7.88
CA GLU A 586 -32.09 29.47 6.89
C GLU A 586 -32.79 30.76 7.32
N ASN A 587 -31.99 31.82 7.43
CA ASN A 587 -32.45 33.13 7.87
C ASN A 587 -31.96 34.22 6.92
N ILE A 588 -32.03 33.94 5.61
CA ILE A 588 -31.54 34.87 4.60
C ILE A 588 -32.71 35.38 3.77
N ARG A 589 -33.92 35.31 4.34
CA ARG A 589 -35.12 35.72 3.62
C ARG A 589 -35.01 37.18 3.18
N GLN A 590 -35.35 37.43 1.91
CA GLN A 590 -35.32 38.76 1.32
C GLN A 590 -36.61 39.03 0.54
N ALA A 591 -37.75 38.72 1.17
CA ALA A 591 -39.03 38.97 0.54
C ALA A 591 -39.29 40.46 0.36
N ALA A 592 -38.61 41.32 1.13
CA ALA A 592 -38.77 42.76 0.95
C ALA A 592 -38.20 43.23 -0.38
N SER A 593 -37.19 42.52 -0.91
CA SER A 593 -36.56 42.86 -2.19
C SER A 593 -35.99 44.28 -2.16
N SER A 594 -35.02 44.48 -1.27
CA SER A 594 -34.35 45.76 -1.09
C SER A 594 -35.34 46.87 -0.77
N THR B 1 45.56 32.90 -9.44
CA THR B 1 44.59 31.96 -8.90
C THR B 1 43.17 32.53 -8.98
N LEU B 2 43.09 33.86 -9.00
CA LEU B 2 41.78 34.52 -9.00
C LEU B 2 40.99 34.18 -10.25
N LEU B 3 41.64 34.23 -11.42
CA LEU B 3 40.93 33.98 -12.67
C LEU B 3 40.45 32.54 -12.77
N GLU B 4 41.30 31.57 -12.42
CA GLU B 4 40.88 30.17 -12.47
C GLU B 4 39.80 29.89 -11.45
N GLU B 5 39.88 30.50 -10.26
CA GLU B 5 38.82 30.35 -9.27
C GLU B 5 37.49 30.88 -9.81
N LYS B 6 37.52 32.05 -10.46
CA LYS B 6 36.31 32.62 -11.03
C LYS B 6 35.76 31.72 -12.14
N VAL B 7 36.64 31.17 -12.97
CA VAL B 7 36.19 30.28 -14.04
C VAL B 7 35.52 29.04 -13.47
N LYS B 8 36.13 28.45 -12.43
CA LYS B 8 35.53 27.27 -11.81
C LYS B 8 34.18 27.60 -11.17
N LEU B 9 34.08 28.75 -10.52
CA LEU B 9 32.82 29.11 -9.88
C LEU B 9 31.74 29.41 -10.92
N GLU B 10 32.11 30.01 -12.05
CA GLU B 10 31.14 30.21 -13.12
C GLU B 10 30.70 28.88 -13.73
N GLU B 11 31.62 27.92 -13.84
CA GLU B 11 31.25 26.60 -14.30
C GLU B 11 30.26 25.95 -13.33
N GLN B 12 30.49 26.12 -12.03
CA GLN B 12 29.54 25.63 -11.04
C GLN B 12 28.19 26.33 -11.18
N LEU B 13 28.21 27.62 -11.52
CA LEU B 13 26.96 28.35 -11.75
C LEU B 13 26.19 27.73 -12.92
N LYS B 14 26.88 27.45 -14.02
CA LYS B 14 26.21 26.83 -15.16
C LYS B 14 25.69 25.45 -14.80
N GLU B 15 26.48 24.69 -14.02
CA GLU B 15 26.06 23.36 -13.60
C GLU B 15 24.80 23.42 -12.75
N THR B 16 24.72 24.37 -11.81
CA THR B 16 23.53 24.44 -10.97
C THR B 16 22.34 25.00 -11.74
N VAL B 17 22.57 25.82 -12.77
CA VAL B 17 21.47 26.25 -13.63
C VAL B 17 20.88 25.06 -14.38
N GLU B 18 21.75 24.21 -14.94
CA GLU B 18 21.25 23.02 -15.62
C GLU B 18 20.59 22.05 -14.64
N LYS B 19 21.08 22.01 -13.39
CA LYS B 19 20.40 21.25 -12.35
C LYS B 19 19.00 21.80 -12.08
N TYR B 20 18.85 23.12 -12.11
CA TYR B 20 17.52 23.70 -11.93
C TYR B 20 16.60 23.33 -13.09
N LYS B 21 17.14 23.31 -14.31
CA LYS B 21 16.35 22.85 -15.45
C LYS B 21 15.89 21.42 -15.25
N ARG B 22 16.80 20.55 -14.78
CA ARG B 22 16.43 19.17 -14.48
C ARG B 22 15.37 19.10 -13.39
N ALA B 23 15.45 19.99 -12.40
CA ALA B 23 14.46 20.01 -11.32
C ALA B 23 13.08 20.38 -11.84
N LEU B 24 13.00 21.36 -12.74
CA LEU B 24 11.72 21.69 -13.36
C LEU B 24 11.17 20.51 -14.15
N ALA B 25 12.03 19.84 -14.92
CA ALA B 25 11.59 18.64 -15.63
C ALA B 25 11.07 17.58 -14.67
N ASP B 26 11.78 17.40 -13.54
CA ASP B 26 11.39 16.39 -12.57
C ASP B 26 10.04 16.71 -11.94
N THR B 27 9.79 17.97 -11.58
CA THR B 27 8.51 18.27 -10.96
C THR B 27 7.36 18.18 -11.96
N GLU B 28 7.60 18.52 -13.23
CA GLU B 28 6.54 18.33 -14.22
C GLU B 28 6.24 16.84 -14.42
N ASN B 29 7.29 16.01 -14.48
CA ASN B 29 7.07 14.57 -14.59
C ASN B 29 6.32 14.03 -13.38
N LEU B 30 6.64 14.54 -12.20
CA LEU B 30 5.94 14.12 -10.99
C LEU B 30 4.48 14.50 -11.05
N ARG B 31 4.16 15.69 -11.56
CA ARG B 31 2.76 16.07 -11.70
C ARG B 31 2.01 15.11 -12.61
N GLN B 32 2.60 14.81 -13.77
CA GLN B 32 1.94 13.90 -14.71
C GLN B 32 1.75 12.51 -14.10
N ARG B 33 2.79 12.00 -13.44
CA ARG B 33 2.72 10.68 -12.85
C ARG B 33 1.71 10.62 -11.71
N SER B 34 1.60 11.68 -10.92
CA SER B 34 0.59 11.74 -9.87
C SER B 34 -0.81 11.71 -10.47
N GLN B 35 -1.01 12.47 -11.55
CA GLN B 35 -2.32 12.46 -12.20
C GLN B 35 -2.67 11.07 -12.72
N LYS B 36 -1.68 10.33 -13.22
CA LYS B 36 -1.95 8.97 -13.67
C LYS B 36 -2.23 8.03 -12.49
N LEU B 37 -1.46 8.17 -11.41
CA LEU B 37 -1.58 7.24 -10.29
C LEU B 37 -2.86 7.43 -9.51
N VAL B 38 -3.38 8.66 -9.45
CA VAL B 38 -4.68 8.87 -8.80
C VAL B 38 -5.77 8.11 -9.56
N GLU B 39 -5.74 8.18 -10.89
CA GLU B 39 -6.71 7.42 -11.68
C GLU B 39 -6.54 5.92 -11.49
N GLU B 40 -5.29 5.45 -11.46
CA GLU B 40 -5.05 4.02 -11.25
C GLU B 40 -5.57 3.57 -9.89
N ALA B 41 -5.37 4.37 -8.84
CA ALA B 41 -5.86 4.04 -7.52
C ALA B 41 -7.36 4.27 -7.36
N LYS B 42 -7.99 4.97 -8.30
CA LYS B 42 -9.43 5.12 -8.27
C LYS B 42 -10.14 3.96 -8.97
N LEU B 43 -9.73 3.63 -10.19
CA LEU B 43 -10.31 2.48 -10.88
C LEU B 43 -10.11 1.21 -10.07
N TYR B 44 -8.85 0.82 -9.89
CA TYR B 44 -8.46 -0.26 -9.00
C TYR B 44 -8.35 0.29 -7.58
N GLY B 45 -7.74 -0.48 -6.68
CA GLY B 45 -7.59 -0.08 -5.30
C GLY B 45 -8.38 -0.94 -4.33
N ILE B 46 -9.39 -1.66 -4.82
CA ILE B 46 -10.09 -2.65 -4.01
C ILE B 46 -9.59 -4.06 -4.34
N GLN B 47 -8.39 -4.16 -4.90
CA GLN B 47 -7.89 -5.43 -5.42
C GLN B 47 -7.72 -6.46 -4.32
N ALA B 48 -7.21 -6.05 -3.15
CA ALA B 48 -7.06 -7.00 -2.05
C ALA B 48 -8.41 -7.49 -1.55
N PHE B 49 -9.38 -6.59 -1.40
CA PHE B 49 -10.69 -6.98 -0.91
C PHE B 49 -11.37 -7.95 -1.86
N CYS B 50 -11.32 -7.66 -3.17
CA CYS B 50 -11.91 -8.57 -4.14
C CYS B 50 -11.18 -9.91 -4.17
N LYS B 51 -9.84 -9.87 -4.14
CA LYS B 51 -9.07 -11.11 -4.16
C LYS B 51 -9.32 -11.96 -2.93
N ASP B 52 -9.76 -11.34 -1.84
CA ASP B 52 -10.10 -12.10 -0.64
C ASP B 52 -11.55 -12.57 -0.63
N LEU B 53 -12.45 -11.85 -1.29
CA LEU B 53 -13.85 -12.27 -1.37
C LEU B 53 -14.13 -13.27 -2.50
N LEU B 54 -13.17 -13.47 -3.41
CA LEU B 54 -13.38 -14.46 -4.47
C LEU B 54 -13.69 -15.84 -3.90
N GLU B 55 -13.00 -16.22 -2.83
CA GLU B 55 -13.22 -17.55 -2.26
C GLU B 55 -14.57 -17.66 -1.56
N VAL B 56 -15.02 -16.59 -0.90
CA VAL B 56 -16.37 -16.60 -0.34
C VAL B 56 -17.40 -16.78 -1.44
N ALA B 57 -17.22 -16.08 -2.57
CA ALA B 57 -18.15 -16.22 -3.68
C ALA B 57 -18.15 -17.65 -4.22
N ASP B 58 -16.97 -18.25 -4.38
CA ASP B 58 -16.88 -19.62 -4.88
C ASP B 58 -17.52 -20.61 -3.91
N VAL B 59 -17.34 -20.39 -2.61
CA VAL B 59 -17.94 -21.26 -1.61
C VAL B 59 -19.46 -21.16 -1.65
N LEU B 60 -19.99 -19.94 -1.81
CA LEU B 60 -21.44 -19.78 -1.91
C LEU B 60 -21.98 -20.46 -3.17
N GLU B 61 -21.25 -20.37 -4.28
CA GLU B 61 -21.68 -21.07 -5.50
C GLU B 61 -21.68 -22.59 -5.29
N LYS B 62 -20.63 -23.11 -4.65
CA LYS B 62 -20.58 -24.55 -4.37
C LYS B 62 -21.72 -24.97 -3.45
N ALA B 63 -22.08 -24.12 -2.48
CA ALA B 63 -23.18 -24.43 -1.58
C ALA B 63 -24.52 -24.42 -2.31
N THR B 64 -24.69 -23.49 -3.26
CA THR B 64 -25.91 -23.48 -4.05
C THR B 64 -26.03 -24.74 -4.90
N GLN B 65 -24.92 -25.19 -5.49
CA GLN B 65 -24.99 -26.40 -6.31
C GLN B 65 -24.91 -27.69 -5.49
N CYS B 66 -24.63 -27.60 -4.18
CA CYS B 66 -24.41 -28.80 -3.37
C CYS B 66 -25.71 -29.57 -3.14
N VAL B 67 -26.77 -28.88 -2.74
CA VAL B 67 -28.01 -29.57 -2.37
C VAL B 67 -28.55 -30.34 -3.56
N PRO B 68 -29.02 -31.58 -3.40
CA PRO B 68 -29.43 -32.39 -4.55
C PRO B 68 -30.63 -31.84 -5.32
N LYS B 69 -31.23 -30.74 -4.87
CA LYS B 69 -32.34 -30.04 -5.52
C LYS B 69 -33.62 -30.87 -5.59
N GLU B 70 -33.63 -32.08 -5.02
CA GLU B 70 -34.83 -32.90 -4.98
C GLU B 70 -35.45 -32.99 -3.59
N GLU B 71 -34.68 -32.70 -2.56
CA GLU B 71 -35.18 -32.71 -1.19
C GLU B 71 -35.67 -31.35 -0.71
N ILE B 72 -35.64 -30.34 -1.58
CA ILE B 72 -36.15 -29.02 -1.22
C ILE B 72 -37.64 -28.95 -1.52
N LYS B 73 -38.45 -29.43 -0.59
CA LYS B 73 -39.90 -29.48 -0.75
C LYS B 73 -40.55 -28.88 0.48
N ASP B 74 -41.88 -28.98 0.54
CA ASP B 74 -42.61 -28.53 1.72
C ASP B 74 -42.54 -29.52 2.88
N ASP B 75 -42.08 -30.75 2.63
CA ASP B 75 -41.89 -31.70 3.72
C ASP B 75 -40.79 -31.22 4.67
N ASN B 76 -39.71 -30.66 4.12
CA ASN B 76 -38.61 -30.13 4.91
C ASN B 76 -38.60 -28.60 4.77
N PRO B 77 -39.40 -27.89 5.56
CA PRO B 77 -39.54 -26.44 5.34
C PRO B 77 -38.30 -25.65 5.70
N HIS B 78 -37.56 -26.07 6.73
CA HIS B 78 -36.40 -25.29 7.14
C HIS B 78 -35.24 -25.44 6.17
N LEU B 79 -35.13 -26.58 5.49
CA LEU B 79 -34.16 -26.72 4.41
C LEU B 79 -34.52 -25.82 3.24
N LYS B 80 -35.82 -25.61 3.00
CA LYS B 80 -36.25 -24.73 1.92
C LYS B 80 -35.87 -23.28 2.20
N ASN B 81 -36.18 -22.80 3.41
CA ASN B 81 -35.86 -21.41 3.76
C ASN B 81 -34.35 -21.17 3.72
N LEU B 82 -33.57 -22.11 4.26
CA LEU B 82 -32.12 -21.95 4.24
C LEU B 82 -31.58 -21.93 2.82
N TYR B 83 -32.09 -22.81 1.95
CA TYR B 83 -31.63 -22.81 0.57
C TYR B 83 -31.96 -21.50 -0.13
N GLU B 84 -33.18 -20.98 0.09
CA GLU B 84 -33.52 -19.72 -0.55
C GLU B 84 -32.71 -18.56 0.01
N GLY B 85 -32.39 -18.58 1.31
CA GLY B 85 -31.50 -17.56 1.84
C GLY B 85 -30.11 -17.63 1.24
N LEU B 86 -29.60 -18.84 1.06
CA LEU B 86 -28.28 -19.01 0.43
C LEU B 86 -28.29 -18.52 -1.02
N VAL B 87 -29.37 -18.81 -1.75
CA VAL B 87 -29.47 -18.35 -3.14
C VAL B 87 -29.58 -16.83 -3.20
N MET B 88 -30.31 -16.24 -2.25
CA MET B 88 -30.38 -14.78 -2.17
C MET B 88 -29.01 -14.17 -1.90
N THR B 89 -28.23 -14.80 -1.00
CA THR B 89 -26.88 -14.32 -0.75
C THR B 89 -26.02 -14.45 -2.00
N GLU B 90 -26.15 -15.54 -2.74
CA GLU B 90 -25.38 -15.71 -3.97
C GLU B 90 -25.70 -14.61 -4.98
N VAL B 91 -26.98 -14.37 -5.22
CA VAL B 91 -27.34 -13.34 -6.20
C VAL B 91 -26.94 -11.95 -5.71
N GLN B 92 -27.03 -11.70 -4.40
CA GLN B 92 -26.62 -10.40 -3.88
C GLN B 92 -25.13 -10.18 -4.05
N ILE B 93 -24.31 -11.21 -3.78
CA ILE B 93 -22.88 -11.02 -3.92
C ILE B 93 -22.50 -10.91 -5.40
N GLN B 94 -23.25 -11.57 -6.29
CA GLN B 94 -22.97 -11.40 -7.71
C GLN B 94 -23.39 -10.03 -8.21
N LYS B 95 -24.43 -9.44 -7.62
CA LYS B 95 -24.79 -8.07 -7.97
C LYS B 95 -23.79 -7.07 -7.42
N VAL B 96 -23.25 -7.33 -6.22
CA VAL B 96 -22.25 -6.45 -5.64
C VAL B 96 -20.95 -6.52 -6.43
N PHE B 97 -20.58 -7.71 -6.90
CA PHE B 97 -19.34 -7.85 -7.65
C PHE B 97 -19.37 -7.02 -8.93
N THR B 98 -20.41 -7.20 -9.75
CA THR B 98 -20.46 -6.53 -11.05
C THR B 98 -20.71 -5.04 -10.95
N LYS B 99 -21.12 -4.54 -9.79
CA LYS B 99 -21.26 -3.10 -9.62
C LYS B 99 -19.90 -2.41 -9.64
N HIS B 100 -18.84 -3.13 -9.25
CA HIS B 100 -17.49 -2.58 -9.19
C HIS B 100 -16.58 -3.16 -10.26
N GLY B 101 -17.16 -3.59 -11.38
CA GLY B 101 -16.39 -4.07 -12.50
C GLY B 101 -15.87 -5.49 -12.36
N LEU B 102 -16.16 -6.18 -11.27
CA LEU B 102 -15.70 -7.54 -11.10
C LEU B 102 -16.50 -8.48 -11.99
N LEU B 103 -15.99 -8.74 -13.19
CA LEU B 103 -16.66 -9.60 -14.16
C LEU B 103 -16.08 -11.00 -14.08
N LYS B 104 -16.95 -12.00 -13.97
CA LYS B 104 -16.51 -13.38 -13.97
C LYS B 104 -16.01 -13.77 -15.35
N LEU B 105 -15.01 -14.64 -15.38
CA LEU B 105 -14.48 -15.20 -16.62
C LEU B 105 -14.92 -16.65 -16.73
N ASN B 106 -15.86 -16.93 -17.62
CA ASN B 106 -16.37 -18.29 -17.83
C ASN B 106 -16.26 -18.61 -19.32
N PRO B 107 -15.04 -18.78 -19.83
CA PRO B 107 -14.81 -18.96 -21.27
C PRO B 107 -14.96 -20.42 -21.72
N VAL B 108 -16.22 -20.86 -21.85
CA VAL B 108 -16.49 -22.26 -22.13
C VAL B 108 -15.99 -22.65 -23.51
N GLY B 109 -15.98 -21.72 -24.46
CA GLY B 109 -15.59 -22.06 -25.81
C GLY B 109 -14.68 -21.04 -26.48
N ALA B 110 -14.11 -20.13 -25.70
CA ALA B 110 -13.24 -19.11 -26.25
C ALA B 110 -11.86 -19.69 -26.56
N LYS B 111 -11.04 -18.88 -27.23
CA LYS B 111 -9.65 -19.26 -27.49
C LYS B 111 -8.84 -19.18 -26.21
N PHE B 112 -7.81 -20.02 -26.13
CA PHE B 112 -6.94 -20.03 -24.95
C PHE B 112 -6.09 -18.77 -24.94
N ASP B 113 -6.34 -17.90 -23.97
CA ASP B 113 -5.62 -16.64 -23.83
C ASP B 113 -4.81 -16.69 -22.54
N PRO B 114 -3.49 -16.86 -22.60
CA PRO B 114 -2.70 -17.05 -21.37
C PRO B 114 -2.77 -15.90 -20.40
N ALA B 115 -3.17 -14.71 -20.84
CA ALA B 115 -3.22 -13.56 -19.94
C ALA B 115 -4.38 -13.64 -18.96
N GLU B 116 -5.36 -14.52 -19.20
CA GLU B 116 -6.50 -14.66 -18.30
C GLU B 116 -6.86 -16.11 -17.95
N HIS B 117 -6.28 -17.09 -18.63
CA HIS B 117 -6.63 -18.49 -18.41
C HIS B 117 -5.40 -19.27 -17.98
N GLU B 118 -5.51 -19.97 -16.84
CA GLU B 118 -4.43 -20.81 -16.33
C GLU B 118 -4.69 -22.24 -16.79
N ALA B 119 -3.93 -22.69 -17.78
CA ALA B 119 -4.09 -24.04 -18.29
C ALA B 119 -3.81 -25.05 -17.20
N LEU B 120 -4.56 -26.15 -17.21
CA LEU B 120 -4.38 -27.23 -16.25
C LEU B 120 -4.05 -28.56 -16.89
N PHE B 121 -4.67 -28.90 -18.02
CA PHE B 121 -4.28 -30.07 -18.77
C PHE B 121 -4.38 -29.78 -20.26
N HIS B 122 -3.61 -30.54 -21.03
CA HIS B 122 -3.57 -30.42 -22.48
C HIS B 122 -4.24 -31.63 -23.14
N THR B 123 -5.33 -32.09 -22.54
CA THR B 123 -5.96 -33.32 -22.97
C THR B 123 -6.47 -33.19 -24.40
N PRO B 124 -6.35 -34.22 -25.23
CA PRO B 124 -6.90 -34.15 -26.59
C PRO B 124 -8.40 -34.41 -26.56
N VAL B 125 -9.16 -33.49 -27.13
CA VAL B 125 -10.62 -33.59 -27.19
C VAL B 125 -11.03 -33.63 -28.65
N GLU B 126 -11.82 -34.64 -29.02
CA GLU B 126 -12.26 -34.80 -30.39
C GLU B 126 -13.47 -33.90 -30.67
N GLY B 127 -13.53 -33.40 -31.91
CA GLY B 127 -14.62 -32.55 -32.32
C GLY B 127 -14.52 -31.10 -31.92
N LYS B 128 -13.42 -30.69 -31.27
CA LYS B 128 -13.21 -29.33 -30.84
C LYS B 128 -11.92 -28.80 -31.43
N GLU B 129 -11.95 -27.55 -31.88
CA GLU B 129 -10.77 -26.97 -32.51
C GLU B 129 -9.65 -26.79 -31.50
N PRO B 130 -8.40 -27.09 -31.88
CA PRO B 130 -7.28 -26.91 -30.95
C PRO B 130 -7.14 -25.47 -30.50
N GLY B 131 -6.75 -25.30 -29.23
CA GLY B 131 -6.51 -23.99 -28.67
C GLY B 131 -7.67 -23.36 -27.94
N THR B 132 -8.78 -24.08 -27.76
CA THR B 132 -9.92 -23.56 -27.03
C THR B 132 -9.96 -24.16 -25.64
N VAL B 133 -11.06 -23.92 -24.93
CA VAL B 133 -11.24 -24.41 -23.57
C VAL B 133 -12.18 -25.61 -23.60
N ALA B 134 -11.65 -26.79 -23.25
CA ALA B 134 -12.51 -27.97 -23.17
C ALA B 134 -13.51 -27.85 -22.04
N LEU B 135 -13.07 -27.34 -20.89
CA LEU B 135 -13.95 -27.15 -19.74
C LEU B 135 -13.31 -26.16 -18.80
N VAL B 136 -14.15 -25.52 -17.99
CA VAL B 136 -13.70 -24.56 -17.00
C VAL B 136 -13.79 -25.23 -15.63
N SER B 137 -12.62 -25.53 -15.05
CA SER B 137 -12.61 -26.17 -13.74
C SER B 137 -12.92 -25.18 -12.63
N LYS B 138 -12.68 -23.89 -12.86
CA LYS B 138 -13.03 -22.85 -11.92
C LYS B 138 -13.21 -21.55 -12.66
N VAL B 139 -14.27 -20.82 -12.34
CA VAL B 139 -14.55 -19.55 -12.99
C VAL B 139 -13.56 -18.51 -12.49
N GLY B 140 -13.05 -17.69 -13.40
CA GLY B 140 -12.13 -16.63 -13.04
C GLY B 140 -12.85 -15.35 -12.70
N TYR B 141 -12.07 -14.35 -12.30
CA TYR B 141 -12.61 -13.04 -11.97
C TYR B 141 -11.61 -11.97 -12.37
N LYS B 142 -12.12 -10.84 -12.84
CA LYS B 142 -11.29 -9.72 -13.23
C LYS B 142 -12.04 -8.43 -12.99
N LEU B 143 -11.30 -7.34 -12.78
CA LEU B 143 -11.89 -6.02 -12.67
C LEU B 143 -11.09 -5.05 -13.52
N HIS B 144 -11.78 -4.31 -14.40
CA HIS B 144 -11.20 -3.23 -15.18
C HIS B 144 -9.93 -3.64 -15.91
N GLY B 145 -9.99 -4.80 -16.58
CA GLY B 145 -8.88 -5.28 -17.36
C GLY B 145 -7.70 -5.81 -16.57
N ARG B 146 -7.80 -5.83 -15.24
CA ARG B 146 -6.75 -6.34 -14.35
C ARG B 146 -7.24 -7.65 -13.77
N THR B 147 -6.83 -8.77 -14.37
CA THR B 147 -7.31 -10.07 -13.92
C THR B 147 -6.86 -10.33 -12.49
N LEU B 148 -7.78 -10.88 -11.69
CA LEU B 148 -7.50 -11.18 -10.28
C LEU B 148 -7.25 -12.65 -10.05
N ARG B 149 -7.88 -13.50 -10.83
CA ARG B 149 -7.74 -14.93 -10.71
C ARG B 149 -8.04 -15.52 -12.07
N PRO B 150 -7.07 -16.18 -12.69
CA PRO B 150 -7.34 -16.84 -13.98
C PRO B 150 -8.36 -17.95 -13.82
N ALA B 151 -9.18 -18.12 -14.85
CA ALA B 151 -10.13 -19.22 -14.89
C ALA B 151 -9.39 -20.50 -15.22
N LEU B 152 -9.35 -21.44 -14.27
CA LEU B 152 -8.55 -22.64 -14.46
C LEU B 152 -9.18 -23.54 -15.51
N VAL B 153 -8.78 -23.37 -16.76
CA VAL B 153 -9.39 -24.05 -17.87
C VAL B 153 -8.52 -25.22 -18.29
N GLY B 154 -9.08 -26.11 -19.11
CA GLY B 154 -8.31 -27.18 -19.70
C GLY B 154 -8.35 -27.11 -21.21
N VAL B 155 -7.21 -26.78 -21.82
CA VAL B 155 -7.11 -26.61 -23.26
C VAL B 155 -7.23 -27.97 -23.94
N VAL B 156 -7.40 -27.98 -25.25
CA VAL B 156 -7.43 -29.21 -26.02
C VAL B 156 -6.19 -29.28 -26.90
N LYS B 157 -5.81 -30.50 -27.27
CA LYS B 157 -4.63 -30.75 -28.06
C LYS B 157 -5.02 -31.38 -29.40
N GLU B 158 -4.16 -31.17 -30.40
CA GLU B 158 -4.34 -31.80 -31.69
C GLU B 158 -4.18 -33.31 -31.60
N ALA B 159 -4.88 -34.02 -32.48
CA ALA B 159 -4.88 -35.48 -32.44
C ALA B 159 -3.50 -36.03 -32.79
N SER B 160 -3.07 -37.05 -32.04
CA SER B 160 -1.78 -37.68 -32.31
C SER B 160 -1.78 -38.38 -33.67
N ALA B 161 -2.87 -39.06 -33.99
CA ALA B 161 -3.02 -39.79 -35.25
C ALA B 161 -1.88 -40.78 -35.47
N THR C 1 36.22 47.05 -12.38
CA THR C 1 36.14 46.25 -13.60
C THR C 1 36.14 44.76 -13.28
N LEU C 2 37.33 44.19 -13.08
CA LEU C 2 37.44 42.78 -12.76
C LEU C 2 36.89 42.48 -11.37
N LEU C 3 36.92 43.47 -10.46
CA LEU C 3 36.33 43.27 -9.14
C LEU C 3 34.82 43.14 -9.23
N GLU C 4 34.19 43.79 -10.21
CA GLU C 4 32.75 43.66 -10.39
C GLU C 4 32.38 42.24 -10.80
N GLU C 5 33.30 41.52 -11.44
CA GLU C 5 33.03 40.14 -11.83
C GLU C 5 32.78 39.27 -10.60
N LYS C 6 33.59 39.44 -9.55
CA LYS C 6 33.42 38.65 -8.33
C LYS C 6 32.06 38.93 -7.69
N VAL C 7 31.68 40.21 -7.61
CA VAL C 7 30.41 40.57 -6.98
C VAL C 7 29.24 40.02 -7.79
N LYS C 8 29.30 40.20 -9.11
CA LYS C 8 28.22 39.69 -9.97
C LYS C 8 28.10 38.18 -9.86
N LEU C 9 29.24 37.48 -9.90
CA LEU C 9 29.21 36.01 -9.82
C LEU C 9 28.69 35.55 -8.46
N GLU C 10 29.09 36.22 -7.38
CA GLU C 10 28.60 35.84 -6.05
C GLU C 10 27.10 36.06 -5.93
N GLU C 11 26.62 37.20 -6.41
CA GLU C 11 25.18 37.47 -6.35
C GLU C 11 24.40 36.47 -7.19
N GLN C 12 24.89 36.17 -8.38
CA GLN C 12 24.21 35.19 -9.24
C GLN C 12 24.24 33.81 -8.60
N LEU C 13 25.36 33.44 -7.97
CA LEU C 13 25.44 32.16 -7.29
C LEU C 13 24.41 32.07 -6.17
N LYS C 14 24.32 33.12 -5.35
CA LYS C 14 23.37 33.10 -4.25
C LYS C 14 21.93 33.01 -4.76
N GLU C 15 21.59 33.84 -5.75
CA GLU C 15 20.23 33.82 -6.28
C GLU C 15 19.90 32.48 -6.92
N THR C 16 20.82 31.93 -7.70
CA THR C 16 20.56 30.67 -8.39
C THR C 16 20.48 29.51 -7.40
N VAL C 17 21.31 29.52 -6.36
CA VAL C 17 21.24 28.46 -5.36
C VAL C 17 19.93 28.52 -4.59
N GLU C 18 19.50 29.73 -4.21
CA GLU C 18 18.21 29.85 -3.53
C GLU C 18 17.07 29.40 -4.45
N LYS C 19 17.14 29.76 -5.73
CA LYS C 19 16.11 29.35 -6.67
C LYS C 19 16.11 27.83 -6.87
N TYR C 20 17.30 27.23 -6.88
CA TYR C 20 17.40 25.77 -6.99
C TYR C 20 16.81 25.08 -5.77
N LYS C 21 17.07 25.60 -4.58
CA LYS C 21 16.46 25.02 -3.38
C LYS C 21 14.94 25.20 -3.40
N ARG C 22 14.47 26.34 -3.92
CA ARG C 22 13.03 26.52 -4.07
C ARG C 22 12.44 25.49 -5.02
N ALA C 23 13.13 25.23 -6.14
CA ALA C 23 12.64 24.26 -7.11
C ALA C 23 12.63 22.85 -6.52
N LEU C 24 13.69 22.49 -5.78
CA LEU C 24 13.80 21.16 -5.20
C LEU C 24 12.94 20.97 -3.96
N ALA C 25 12.43 22.05 -3.37
CA ALA C 25 11.53 21.93 -2.24
C ALA C 25 10.06 21.93 -2.64
N ASP C 26 9.74 22.42 -3.84
CA ASP C 26 8.36 22.35 -4.31
C ASP C 26 7.99 20.94 -4.75
N THR C 27 8.94 20.22 -5.35
CA THR C 27 8.66 18.85 -5.79
C THR C 27 8.37 17.93 -4.61
N GLU C 28 9.01 18.15 -3.46
CA GLU C 28 8.73 17.32 -2.30
C GLU C 28 7.30 17.53 -1.79
N ASN C 29 6.86 18.79 -1.71
CA ASN C 29 5.49 19.05 -1.31
C ASN C 29 4.50 18.49 -2.32
N LEU C 30 4.83 18.59 -3.61
CA LEU C 30 3.96 18.02 -4.63
C LEU C 30 3.87 16.50 -4.50
N ARG C 31 5.00 15.84 -4.19
CA ARG C 31 4.99 14.40 -4.00
C ARG C 31 4.17 14.01 -2.77
N GLN C 32 4.28 14.78 -1.69
CA GLN C 32 3.48 14.49 -0.50
C GLN C 32 1.98 14.67 -0.79
N ARG C 33 1.63 15.71 -1.55
CA ARG C 33 0.24 15.90 -1.94
C ARG C 33 -0.24 14.74 -2.82
N SER C 34 0.63 14.26 -3.71
CA SER C 34 0.27 13.13 -4.56
C SER C 34 0.00 11.88 -3.74
N GLN C 35 0.86 11.61 -2.75
CA GLN C 35 0.66 10.44 -1.90
C GLN C 35 -0.64 10.57 -1.12
N LYS C 36 -0.93 11.77 -0.61
CA LYS C 36 -2.18 11.98 0.11
C LYS C 36 -3.39 11.76 -0.80
N LEU C 37 -3.31 12.24 -2.04
CA LEU C 37 -4.41 12.05 -2.99
C LEU C 37 -4.63 10.57 -3.29
N VAL C 38 -3.54 9.83 -3.49
CA VAL C 38 -3.66 8.39 -3.76
C VAL C 38 -4.29 7.68 -2.57
N GLU C 39 -3.84 8.02 -1.35
CA GLU C 39 -4.41 7.40 -0.15
C GLU C 39 -5.90 7.68 -0.04
N GLU C 40 -6.31 8.93 -0.28
CA GLU C 40 -7.72 9.27 -0.15
C GLU C 40 -8.56 8.57 -1.21
N ALA C 41 -8.04 8.47 -2.44
CA ALA C 41 -8.78 7.76 -3.49
C ALA C 41 -8.96 6.29 -3.14
N LYS C 42 -7.88 5.65 -2.66
CA LYS C 42 -7.98 4.25 -2.26
C LYS C 42 -8.98 4.07 -1.12
N LEU C 43 -8.93 4.96 -0.13
CA LEU C 43 -9.84 4.85 1.00
C LEU C 43 -11.29 4.99 0.57
N TYR C 44 -11.57 5.95 -0.33
CA TYR C 44 -12.94 6.11 -0.78
C TYR C 44 -13.41 4.91 -1.60
N GLY C 45 -12.55 4.36 -2.45
CA GLY C 45 -12.93 3.17 -3.18
C GLY C 45 -13.26 2.01 -2.27
N ILE C 46 -12.42 1.79 -1.25
CA ILE C 46 -12.64 0.68 -0.33
C ILE C 46 -13.91 0.91 0.49
N GLN C 47 -14.18 2.17 0.87
CA GLN C 47 -15.42 2.48 1.58
C GLN C 47 -16.63 2.17 0.71
N ALA C 48 -16.57 2.53 -0.57
CA ALA C 48 -17.66 2.22 -1.49
C ALA C 48 -17.87 0.71 -1.61
N PHE C 49 -16.77 -0.05 -1.65
CA PHE C 49 -16.90 -1.50 -1.71
C PHE C 49 -17.54 -2.06 -0.43
N CYS C 50 -17.15 -1.53 0.72
CA CYS C 50 -17.69 -2.04 1.99
C CYS C 50 -19.17 -1.74 2.13
N LYS C 51 -19.61 -0.57 1.68
CA LYS C 51 -21.02 -0.21 1.81
C LYS C 51 -21.92 -1.19 1.07
N ASP C 52 -21.44 -1.75 -0.03
CA ASP C 52 -22.18 -2.79 -0.74
C ASP C 52 -21.92 -4.19 -0.20
N LEU C 53 -20.75 -4.41 0.39
CA LEU C 53 -20.45 -5.75 0.92
C LEU C 53 -21.23 -6.06 2.19
N LEU C 54 -21.63 -5.04 2.95
CA LEU C 54 -22.34 -5.28 4.20
C LEU C 54 -23.61 -6.10 3.99
N GLU C 55 -24.31 -5.88 2.88
CA GLU C 55 -25.62 -6.50 2.68
C GLU C 55 -25.52 -8.01 2.54
N VAL C 56 -24.45 -8.50 1.90
CA VAL C 56 -24.26 -9.94 1.76
C VAL C 56 -24.15 -10.60 3.14
N ALA C 57 -23.33 -10.02 4.01
CA ALA C 57 -23.19 -10.54 5.36
C ALA C 57 -24.50 -10.49 6.11
N ASP C 58 -25.24 -9.39 5.96
CA ASP C 58 -26.52 -9.26 6.65
C ASP C 58 -27.48 -10.37 6.20
N VAL C 59 -27.56 -10.59 4.90
CA VAL C 59 -28.49 -11.59 4.38
C VAL C 59 -28.11 -12.99 4.85
N LEU C 60 -26.82 -13.31 4.78
CA LEU C 60 -26.40 -14.65 5.21
C LEU C 60 -26.62 -14.85 6.70
N GLU C 61 -26.34 -13.82 7.51
CA GLU C 61 -26.58 -13.92 8.95
C GLU C 61 -28.05 -14.15 9.25
N LYS C 62 -28.94 -13.39 8.60
CA LYS C 62 -30.37 -13.58 8.83
C LYS C 62 -30.80 -14.98 8.40
N ALA C 63 -30.34 -15.44 7.25
CA ALA C 63 -30.75 -16.75 6.75
C ALA C 63 -30.32 -17.86 7.70
N THR C 64 -29.09 -17.81 8.19
CA THR C 64 -28.62 -18.85 9.10
C THR C 64 -29.32 -18.75 10.45
N GLN C 65 -29.51 -17.53 10.98
CA GLN C 65 -30.10 -17.36 12.29
C GLN C 65 -31.56 -17.78 12.32
N CYS C 66 -32.27 -17.61 11.20
CA CYS C 66 -33.70 -17.96 11.18
C CYS C 66 -33.95 -19.44 11.42
N VAL C 67 -32.96 -20.29 11.17
CA VAL C 67 -33.08 -21.73 11.43
C VAL C 67 -32.86 -21.98 12.92
N PRO C 68 -33.82 -22.56 13.62
CA PRO C 68 -33.62 -22.86 15.05
C PRO C 68 -32.55 -23.92 15.23
N LYS C 69 -31.86 -23.84 16.37
CA LYS C 69 -30.80 -24.79 16.68
C LYS C 69 -31.34 -26.14 17.11
N GLU C 70 -32.64 -26.26 17.36
CA GLU C 70 -33.21 -27.52 17.85
C GLU C 70 -33.34 -28.55 16.73
N GLU C 71 -33.68 -28.11 15.52
CA GLU C 71 -33.98 -29.04 14.44
C GLU C 71 -32.74 -29.58 13.73
N ILE C 72 -31.55 -29.10 14.07
CA ILE C 72 -30.33 -29.60 13.45
C ILE C 72 -29.96 -30.92 14.13
N LYS C 73 -30.42 -32.03 13.56
CA LYS C 73 -30.21 -33.35 14.13
C LYS C 73 -29.69 -34.29 13.04
N ASP C 74 -29.15 -35.43 13.48
CA ASP C 74 -28.57 -36.39 12.54
C ASP C 74 -29.61 -37.04 11.66
N ASP C 75 -30.89 -36.99 12.04
CA ASP C 75 -31.96 -37.51 11.20
C ASP C 75 -32.35 -36.56 10.09
N ASN C 76 -31.76 -35.37 10.04
CA ASN C 76 -31.95 -34.40 8.97
C ASN C 76 -30.57 -33.99 8.45
N PRO C 77 -29.86 -34.93 7.80
CA PRO C 77 -28.46 -34.63 7.42
C PRO C 77 -28.33 -33.44 6.48
N HIS C 78 -29.29 -33.26 5.57
CA HIS C 78 -29.17 -32.21 4.57
C HIS C 78 -29.17 -30.82 5.20
N LEU C 79 -29.92 -30.64 6.30
CA LEU C 79 -29.92 -29.37 6.99
C LEU C 79 -28.66 -29.17 7.82
N LYS C 80 -28.11 -30.24 8.39
CA LYS C 80 -26.93 -30.12 9.23
C LYS C 80 -25.71 -29.70 8.41
N ASN C 81 -25.49 -30.35 7.27
CA ASN C 81 -24.37 -29.98 6.42
C ASN C 81 -24.50 -28.55 5.93
N LEU C 82 -25.70 -28.15 5.51
CA LEU C 82 -25.91 -26.79 5.03
C LEU C 82 -25.67 -25.77 6.15
N TYR C 83 -26.14 -26.07 7.36
CA TYR C 83 -25.94 -25.14 8.47
C TYR C 83 -24.47 -25.00 8.81
N GLU C 84 -23.73 -26.12 8.82
CA GLU C 84 -22.30 -26.04 9.09
C GLU C 84 -21.57 -25.23 8.01
N GLY C 85 -21.90 -25.48 6.74
CA GLY C 85 -21.29 -24.72 5.67
C GLY C 85 -21.60 -23.24 5.78
N LEU C 86 -22.84 -22.90 6.14
CA LEU C 86 -23.22 -21.49 6.21
C LEU C 86 -22.54 -20.79 7.38
N VAL C 87 -22.45 -21.44 8.55
CA VAL C 87 -21.79 -20.77 9.67
C VAL C 87 -20.30 -20.63 9.39
N MET C 88 -19.69 -21.62 8.75
CA MET C 88 -18.28 -21.48 8.39
C MET C 88 -18.09 -20.35 7.38
N THR C 89 -19.01 -20.22 6.41
CA THR C 89 -18.91 -19.12 5.45
C THR C 89 -19.07 -17.78 6.14
N GLU C 90 -19.97 -17.70 7.12
CA GLU C 90 -20.16 -16.44 7.85
C GLU C 90 -18.90 -16.06 8.61
N VAL C 91 -18.28 -17.02 9.30
CA VAL C 91 -17.08 -16.66 10.04
C VAL C 91 -15.93 -16.34 9.09
N GLN C 92 -15.89 -16.99 7.91
CA GLN C 92 -14.90 -16.62 6.91
C GLN C 92 -15.11 -15.19 6.41
N ILE C 93 -16.36 -14.81 6.17
CA ILE C 93 -16.67 -13.44 5.74
C ILE C 93 -16.22 -12.45 6.80
N GLN C 94 -16.54 -12.74 8.06
CA GLN C 94 -16.17 -11.82 9.14
C GLN C 94 -14.66 -11.75 9.29
N LYS C 95 -13.96 -12.88 9.12
CA LYS C 95 -12.52 -12.86 9.17
C LYS C 95 -11.92 -11.97 8.09
N VAL C 96 -12.46 -12.07 6.87
CA VAL C 96 -11.93 -11.26 5.78
C VAL C 96 -12.26 -9.78 5.99
N PHE C 97 -13.45 -9.49 6.53
CA PHE C 97 -13.80 -8.11 6.85
C PHE C 97 -12.84 -7.54 7.88
N THR C 98 -12.57 -8.32 8.95
CA THR C 98 -11.68 -7.84 10.01
C THR C 98 -10.26 -7.67 9.51
N LYS C 99 -9.82 -8.51 8.57
CA LYS C 99 -8.47 -8.40 8.04
C LYS C 99 -8.26 -7.06 7.33
N HIS C 100 -9.27 -6.59 6.59
CA HIS C 100 -9.16 -5.38 5.80
C HIS C 100 -9.83 -4.17 6.46
N GLY C 101 -9.99 -4.21 7.77
CA GLY C 101 -10.43 -3.06 8.54
C GLY C 101 -11.90 -3.03 8.89
N LEU C 102 -12.75 -3.71 8.13
CA LEU C 102 -14.19 -3.69 8.37
C LEU C 102 -14.50 -4.49 9.63
N LEU C 103 -14.77 -3.79 10.73
CA LEU C 103 -15.01 -4.42 12.03
C LEU C 103 -16.50 -4.39 12.36
N LYS C 104 -16.95 -5.42 13.07
CA LYS C 104 -18.34 -5.51 13.47
C LYS C 104 -18.62 -4.64 14.69
N LEU C 105 -19.90 -4.50 15.01
CA LEU C 105 -20.35 -3.68 16.13
C LEU C 105 -21.53 -4.37 16.80
N ASN C 106 -21.26 -5.08 17.90
CA ASN C 106 -22.29 -5.77 18.66
C ASN C 106 -22.22 -5.38 20.15
N PRO C 107 -22.47 -4.11 20.45
CA PRO C 107 -22.31 -3.63 21.83
C PRO C 107 -23.41 -4.14 22.76
N VAL C 108 -23.35 -5.43 23.12
CA VAL C 108 -24.36 -6.03 23.98
C VAL C 108 -24.13 -5.51 25.40
N GLY C 109 -25.01 -4.62 25.86
CA GLY C 109 -24.90 -4.07 27.20
C GLY C 109 -23.99 -2.86 27.33
N ALA C 110 -23.32 -2.46 26.26
CA ALA C 110 -22.45 -1.30 26.32
C ALA C 110 -23.26 -0.01 26.35
N LYS C 111 -22.61 1.06 26.79
CA LYS C 111 -23.27 2.36 26.89
C LYS C 111 -23.63 2.87 25.50
N PHE C 112 -24.69 3.67 25.43
CA PHE C 112 -25.12 4.25 24.18
C PHE C 112 -24.06 5.19 23.62
N ASP C 113 -23.92 5.18 22.29
CA ASP C 113 -22.95 6.03 21.62
C ASP C 113 -23.52 6.50 20.29
N PRO C 114 -23.81 7.79 20.15
CA PRO C 114 -24.38 8.29 18.88
C PRO C 114 -23.47 8.07 17.69
N ALA C 115 -22.15 7.99 17.91
CA ALA C 115 -21.24 7.80 16.80
C ALA C 115 -21.45 6.46 16.12
N GLU C 116 -21.69 5.40 16.90
CA GLU C 116 -21.81 4.06 16.35
C GLU C 116 -23.15 3.39 16.61
N HIS C 117 -23.96 3.88 17.55
CA HIS C 117 -25.23 3.26 17.89
C HIS C 117 -26.38 4.20 17.58
N GLU C 118 -27.44 3.65 16.98
CA GLU C 118 -28.64 4.40 16.67
C GLU C 118 -29.81 3.81 17.45
N ALA C 119 -30.57 4.66 18.12
CA ALA C 119 -31.68 4.23 18.95
C ALA C 119 -32.91 4.03 18.08
N LEU C 120 -33.21 2.76 17.74
CA LEU C 120 -34.43 2.47 17.00
C LEU C 120 -35.67 2.78 17.83
N PHE C 121 -35.64 2.45 19.11
CA PHE C 121 -36.78 2.68 19.99
C PHE C 121 -36.28 2.85 21.42
N HIS C 122 -37.12 3.46 22.25
CA HIS C 122 -36.82 3.69 23.66
C HIS C 122 -37.86 2.98 24.51
N THR C 123 -37.40 2.16 25.45
CA THR C 123 -38.28 1.41 26.33
C THR C 123 -37.51 0.99 27.59
N PRO C 124 -38.03 1.31 28.78
CA PRO C 124 -37.34 0.89 30.01
C PRO C 124 -37.26 -0.62 30.12
N VAL C 125 -36.12 -1.09 30.60
CA VAL C 125 -35.87 -2.51 30.81
C VAL C 125 -35.28 -2.70 32.20
N GLU C 126 -35.87 -3.60 32.98
CA GLU C 126 -35.39 -3.85 34.33
C GLU C 126 -34.01 -4.53 34.29
N GLY C 127 -33.16 -4.16 35.25
CA GLY C 127 -31.85 -4.75 35.36
C GLY C 127 -30.78 -4.13 34.48
N LYS C 128 -31.13 -3.13 33.68
CA LYS C 128 -30.18 -2.48 32.78
C LYS C 128 -30.11 -0.99 33.09
N GLU C 129 -28.93 -0.41 32.91
CA GLU C 129 -28.74 1.00 33.16
C GLU C 129 -29.52 1.84 32.15
N PRO C 130 -29.95 3.03 32.53
CA PRO C 130 -30.56 3.94 31.55
C PRO C 130 -29.57 4.31 30.45
N GLY C 131 -30.07 4.44 29.24
CA GLY C 131 -29.20 4.74 28.10
C GLY C 131 -28.18 3.66 27.83
N THR C 132 -28.59 2.40 27.91
CA THR C 132 -27.71 1.25 27.69
C THR C 132 -28.37 0.31 26.70
N VAL C 133 -27.56 -0.29 25.83
CA VAL C 133 -28.06 -1.16 24.76
C VAL C 133 -28.55 -2.47 25.36
N ALA C 134 -29.87 -2.59 25.52
CA ALA C 134 -30.45 -3.85 25.96
C ALA C 134 -30.47 -4.88 24.84
N LEU C 135 -30.83 -4.46 23.62
CA LEU C 135 -30.96 -5.34 22.48
C LEU C 135 -30.37 -4.67 21.26
N VAL C 136 -29.96 -5.49 20.29
CA VAL C 136 -29.45 -5.01 19.01
C VAL C 136 -30.36 -5.55 17.91
N SER C 137 -31.13 -4.67 17.28
CA SER C 137 -31.99 -5.09 16.18
C SER C 137 -31.19 -5.34 14.91
N LYS C 138 -30.24 -4.47 14.61
CA LYS C 138 -29.39 -4.59 13.43
C LYS C 138 -27.95 -4.31 13.82
N VAL C 139 -27.04 -5.12 13.29
CA VAL C 139 -25.62 -4.99 13.62
C VAL C 139 -25.00 -3.88 12.79
N GLY C 140 -24.09 -3.13 13.41
CA GLY C 140 -23.37 -2.07 12.73
C GLY C 140 -21.95 -2.49 12.37
N TYR C 141 -21.29 -1.63 11.59
CA TYR C 141 -19.94 -1.91 11.14
C TYR C 141 -19.10 -0.65 11.21
N LYS C 142 -17.79 -0.84 11.33
CA LYS C 142 -16.83 0.26 11.42
C LYS C 142 -15.73 0.04 10.39
N LEU C 143 -15.15 1.14 9.93
CA LEU C 143 -14.02 1.10 9.00
C LEU C 143 -12.94 2.04 9.51
N HIS C 144 -11.81 1.46 9.94
CA HIS C 144 -10.64 2.22 10.36
C HIS C 144 -10.97 3.22 11.46
N GLY C 145 -11.85 2.82 12.37
CA GLY C 145 -12.23 3.69 13.46
C GLY C 145 -13.32 4.70 13.14
N ARG C 146 -13.80 4.75 11.91
CA ARG C 146 -14.88 5.63 11.51
C ARG C 146 -16.12 4.80 11.20
N THR C 147 -17.24 5.14 11.83
CA THR C 147 -18.45 4.34 11.71
C THR C 147 -18.99 4.37 10.29
N LEU C 148 -18.98 3.21 9.63
CA LEU C 148 -19.51 3.12 8.28
C LEU C 148 -21.03 2.99 8.29
N ARG C 149 -21.57 2.28 9.27
CA ARG C 149 -23.01 2.09 9.40
C ARG C 149 -23.38 1.93 10.87
N PRO C 150 -24.11 2.88 11.44
CA PRO C 150 -24.43 2.79 12.87
C PRO C 150 -25.31 1.58 13.17
N ALA C 151 -25.11 1.01 14.34
CA ALA C 151 -25.87 -0.17 14.76
C ALA C 151 -27.22 0.26 15.31
N LEU C 152 -28.28 -0.32 14.77
CA LEU C 152 -29.64 -0.03 15.23
C LEU C 152 -29.90 -0.84 16.50
N VAL C 153 -30.08 -0.14 17.62
CA VAL C 153 -30.19 -0.78 18.92
C VAL C 153 -31.35 -0.16 19.69
N GLY C 154 -31.72 -0.81 20.78
CA GLY C 154 -32.76 -0.32 21.67
C GLY C 154 -32.15 0.27 22.94
N VAL C 155 -32.67 1.43 23.33
CA VAL C 155 -32.15 2.17 24.47
C VAL C 155 -33.12 2.04 25.63
N VAL C 156 -32.58 1.67 26.80
CA VAL C 156 -33.39 1.56 28.00
C VAL C 156 -33.77 2.95 28.47
N LYS C 157 -35.07 3.16 28.71
CA LYS C 157 -35.59 4.43 29.16
C LYS C 157 -35.82 4.37 30.68
N GLU C 158 -36.42 5.44 31.22
CA GLU C 158 -36.69 5.54 32.65
C GLU C 158 -38.17 5.32 32.92
N ALA C 159 -38.47 4.40 33.83
CA ALA C 159 -39.85 4.09 34.19
C ALA C 159 -40.18 4.63 35.58
N VAL D 1 -10.42 44.02 14.04
CA VAL D 1 -8.96 43.92 13.99
C VAL D 1 -8.54 42.46 13.76
N LEU D 2 -9.53 41.57 13.71
CA LEU D 2 -9.29 40.14 13.53
C LEU D 2 -9.53 39.77 12.07
N LEU D 3 -8.51 39.23 11.42
CA LEU D 3 -8.61 38.89 10.01
C LEU D 3 -9.64 37.80 9.77
N LEU D 4 -10.33 37.90 8.63
CA LEU D 4 -11.34 36.93 8.25
C LEU D 4 -10.74 35.90 7.29
N ASP D 5 -11.56 34.96 6.86
CA ASP D 5 -11.17 33.91 5.93
C ASP D 5 -12.12 33.90 4.74
N VAL D 6 -11.56 33.88 3.54
CA VAL D 6 -12.36 33.89 2.32
C VAL D 6 -12.82 32.48 2.01
N THR D 7 -14.13 32.31 1.84
CA THR D 7 -14.70 31.01 1.51
C THR D 7 -14.48 30.66 0.04
#